data_6UGA
#
_entry.id   6UGA
#
_cell.length_a   75.224
_cell.length_b   69.619
_cell.length_c   93.876
_cell.angle_alpha   90.000
_cell.angle_beta   98.290
_cell.angle_gamma   90.000
#
_symmetry.space_group_name_H-M   'P 1 21 1'
#
loop_
_entity.id
_entity.type
_entity.pdbx_description
1 polymer 'ch28/11 Fab light chain'
2 polymer 'ch28/11 Fab heavy chain'
3 non-polymer 'methanesulfonic acid'
4 water water
#
loop_
_entity_poly.entity_id
_entity_poly.type
_entity_poly.pdbx_seq_one_letter_code
_entity_poly.pdbx_strand_id
1 'polypeptide(L)'
;ENVLTQSPAIMSASPGEKVTMTCSASSSVNYMHWYQQKSSTSPKLWIYDTSKLASGVPGRFSGSGSGNSYSLTIRTMEAE
DVATYFCFQASGYPLTFGGGTKLELKRTVAAPSVFIFPPSDEQLKSGTASVVCLLNNFYPREAKVQWKVDNALQSGNSQE
SVTEQDSKDSTYSLSSTLTLSKADYEKHKVYACEVTHQGLSSPVTKSFNRGEC
;
L,A
2 'polypeptide(L)'
;QVQLKESGPGLVAPSQSLSITCTVSGFSLNSYGVSWVRQPPGKGLEWLGVIWGDGSTNYHSALMSRLRISKDNSKRQVFL
KLNSLQTDDTATYYCTKPGSGYAFAYWGQGTLVTVSSASTKGPSVFPLAPSSKSTSGGTAALGCLVKDYFPEPVTVSWNS
GALTSGVHTFPAVLQSSGLYSLSSVVTVPSSSLGTQTYICNVNHKPSNTKVDKKVEPA
;
H,B
#
loop_
_chem_comp.id
_chem_comp.type
_chem_comp.name
_chem_comp.formula
03S non-polymer 'methanesulfonic acid' 'C H4 O3 S'
#
# COMPACT_ATOMS: atom_id res chain seq x y z
N GLU A 1 12.10 9.52 31.36
CA GLU A 1 10.98 10.36 31.82
C GLU A 1 10.32 9.71 33.02
N ASN A 2 9.36 10.42 33.60
CA ASN A 2 8.60 9.90 34.68
C ASN A 2 7.34 9.22 34.14
N VAL A 3 7.39 7.89 34.01
CA VAL A 3 6.29 7.08 33.44
C VAL A 3 5.13 6.92 34.42
N LEU A 4 3.90 7.20 33.95
CA LEU A 4 2.69 7.00 34.70
C LEU A 4 1.99 5.74 34.24
N THR A 5 1.85 4.81 35.15
CA THR A 5 1.09 3.62 34.93
C THR A 5 -0.32 3.72 35.61
N GLN A 6 -1.37 3.60 34.83
CA GLN A 6 -2.73 3.63 35.36
C GLN A 6 -3.24 2.24 35.47
N SER A 7 -3.92 1.93 36.55
CA SER A 7 -4.53 0.62 36.67
C SER A 7 -5.89 0.79 37.26
N PRO A 8 -6.84 -0.06 36.85
CA PRO A 8 -6.77 -0.98 35.70
C PRO A 8 -6.88 -0.20 34.37
N ALA A 9 -6.48 -0.83 33.27
CA ALA A 9 -6.63 -0.23 31.96
C ALA A 9 -8.07 -0.29 31.43
N ILE A 10 -8.78 -1.36 31.72
CA ILE A 10 -10.18 -1.51 31.31
C ILE A 10 -10.90 -1.98 32.55
N MET A 11 -12.11 -1.49 32.73
CA MET A 11 -12.84 -1.69 33.95
C MET A 11 -14.29 -1.50 33.63
N SER A 12 -15.16 -2.29 34.24
CA SER A 12 -16.57 -1.95 34.19
C SER A 12 -17.13 -1.95 35.58
N ALA A 13 -18.23 -1.23 35.71
CA ALA A 13 -18.89 -1.11 36.98
C ALA A 13 -20.38 -1.00 36.73
N SER A 14 -21.17 -1.71 37.53
CA SER A 14 -22.63 -1.62 37.49
C SER A 14 -23.04 -0.29 38.10
N PRO A 15 -24.19 0.26 37.69
CA PRO A 15 -24.67 1.51 38.30
C PRO A 15 -24.81 1.43 39.82
N GLY A 16 -24.55 2.55 40.49
CA GLY A 16 -24.36 2.60 41.95
C GLY A 16 -23.12 1.94 42.57
N GLU A 17 -22.24 1.29 41.82
CA GLU A 17 -21.02 0.65 42.37
C GLU A 17 -19.86 1.69 42.62
N LYS A 18 -19.08 1.50 43.68
CA LYS A 18 -17.88 2.29 43.93
C LYS A 18 -16.77 1.91 42.94
N VAL A 19 -16.16 2.87 42.27
CA VAL A 19 -15.03 2.55 41.38
C VAL A 19 -13.81 3.31 41.81
N THR A 20 -12.69 2.66 41.65
CA THR A 20 -11.45 3.34 41.94
C THR A 20 -10.40 2.99 40.90
N MET A 21 -9.61 3.97 40.55
CA MET A 21 -8.52 3.77 39.61
C MET A 21 -7.31 4.48 40.16
N THR A 22 -6.16 3.86 39.93
CA THR A 22 -4.91 4.34 40.44
C THR A 22 -4.03 4.82 39.32
N CYS A 23 -3.14 5.72 39.66
CA CYS A 23 -2.11 6.17 38.78
C CYS A 23 -0.84 6.08 39.62
N SER A 24 0.20 5.43 39.10
CA SER A 24 1.47 5.30 39.79
C SER A 24 2.56 5.96 38.95
N ALA A 25 3.42 6.73 39.60
CA ALA A 25 4.58 7.34 38.95
C ALA A 25 5.88 6.63 39.34
N SER A 26 6.79 6.53 38.38
CA SER A 26 8.11 5.99 38.67
C SER A 26 8.94 6.89 39.58
N SER A 27 8.70 8.21 39.55
CA SER A 27 9.26 9.15 40.54
C SER A 27 8.21 10.02 41.19
N SER A 28 8.40 10.35 42.46
CA SER A 28 7.45 11.13 43.24
C SER A 28 7.14 12.45 42.55
N VAL A 29 5.91 12.94 42.75
CA VAL A 29 5.44 14.21 42.18
C VAL A 29 4.71 15.04 43.22
N ASN A 30 4.62 16.35 43.00
CA ASN A 30 3.90 17.22 43.96
C ASN A 30 2.40 16.97 43.91
N TYR A 31 1.86 16.71 42.72
CA TYR A 31 0.42 16.53 42.55
C TYR A 31 0.15 15.68 41.35
N MET A 32 -1.07 15.17 41.27
CA MET A 32 -1.53 14.46 40.09
C MET A 32 -2.80 15.12 39.57
N HIS A 33 -2.94 15.23 38.24
CA HIS A 33 -4.15 15.83 37.62
C HIS A 33 -4.82 14.74 36.81
N TRP A 34 -6.15 14.87 36.66
CA TRP A 34 -6.97 13.87 35.96
C TRP A 34 -7.87 14.51 34.87
N TYR A 35 -8.01 13.84 33.73
CA TYR A 35 -8.78 14.39 32.62
C TYR A 35 -9.76 13.35 32.24
N GLN A 36 -10.94 13.79 31.91
CA GLN A 36 -11.94 12.89 31.39
C GLN A 36 -12.00 13.09 29.88
N GLN A 37 -12.00 12.02 29.10
CA GLN A 37 -12.22 12.15 27.62
C GLN A 37 -13.34 11.27 27.12
N LYS A 38 -14.32 11.87 26.46
CA LYS A 38 -15.51 11.14 25.95
C LYS A 38 -15.46 11.16 24.44
N SER A 39 -15.51 9.99 23.83
CA SER A 39 -15.75 9.84 22.37
C SER A 39 -14.81 10.63 21.44
N SER A 40 -13.52 10.63 21.75
CA SER A 40 -12.47 11.33 20.98
C SER A 40 -12.59 12.88 20.80
N THR A 41 -13.36 13.54 21.69
CA THR A 41 -13.42 15.01 21.75
C THR A 41 -12.32 15.50 22.70
N SER A 42 -12.17 16.82 22.86
CA SER A 42 -11.09 17.36 23.73
C SER A 42 -11.17 16.81 25.17
N PRO A 43 -10.03 16.49 25.78
CA PRO A 43 -10.06 16.16 27.20
C PRO A 43 -10.57 17.33 28.01
N LYS A 44 -11.20 17.00 29.14
CA LYS A 44 -11.72 17.98 30.11
C LYS A 44 -11.00 17.76 31.42
N LEU A 45 -10.51 18.83 32.01
CA LEU A 45 -9.90 18.75 33.32
C LEU A 45 -11.00 18.39 34.27
N TRP A 46 -10.71 17.42 35.11
CA TRP A 46 -11.69 16.78 35.94
C TRP A 46 -11.34 16.94 37.40
N ILE A 47 -10.09 16.56 37.72
CA ILE A 47 -9.49 16.77 39.03
C ILE A 47 -8.09 17.34 38.92
N TYR A 48 -7.82 18.43 39.63
CA TYR A 48 -6.51 19.06 39.64
C TYR A 48 -5.92 19.20 41.03
N ASP A 49 -4.63 19.42 41.07
CA ASP A 49 -3.84 19.43 42.30
C ASP A 49 -4.27 18.32 43.23
N THR A 50 -4.25 17.12 42.71
CA THR A 50 -4.53 15.90 43.45
C THR A 50 -6.00 15.65 43.82
N SER A 51 -6.69 16.62 44.40
CA SER A 51 -8.06 16.38 44.90
C SER A 51 -9.08 17.49 44.67
N LYS A 52 -8.74 18.55 43.94
CA LYS A 52 -9.70 19.63 43.67
C LYS A 52 -10.53 19.34 42.44
N LEU A 53 -11.85 19.24 42.59
CA LEU A 53 -12.77 19.10 41.45
C LEU A 53 -12.78 20.38 40.62
N ALA A 54 -12.58 20.28 39.31
CA ALA A 54 -12.88 21.38 38.39
C ALA A 54 -14.37 21.76 38.49
N SER A 55 -14.73 22.96 38.02
CA SER A 55 -16.13 23.42 38.12
C SER A 55 -17.02 22.60 37.18
N GLY A 56 -18.23 22.30 37.65
CA GLY A 56 -19.13 21.40 36.95
C GLY A 56 -19.03 19.95 37.38
N VAL A 57 -17.93 19.53 38.01
CA VAL A 57 -17.69 18.12 38.29
C VAL A 57 -18.46 17.74 39.56
N PRO A 58 -19.28 16.68 39.50
CA PRO A 58 -20.11 16.29 40.64
C PRO A 58 -19.32 15.70 41.82
N GLY A 59 -19.89 15.83 43.01
CA GLY A 59 -19.24 15.45 44.26
C GLY A 59 -19.05 13.96 44.48
N ARG A 60 -19.64 13.12 43.64
CA ARG A 60 -19.33 11.66 43.73
C ARG A 60 -17.90 11.30 43.33
N PHE A 61 -17.24 12.21 42.59
CA PHE A 61 -15.85 12.03 42.17
C PHE A 61 -14.95 12.56 43.25
N SER A 62 -13.87 11.84 43.53
CA SER A 62 -12.78 12.40 44.32
C SER A 62 -11.42 11.81 43.90
N GLY A 63 -10.36 12.56 44.16
CA GLY A 63 -9.01 12.05 44.06
C GLY A 63 -8.22 12.22 45.34
N SER A 64 -7.24 11.34 45.53
CA SER A 64 -6.39 11.38 46.69
C SER A 64 -4.97 10.86 46.36
N GLY A 65 -4.11 10.84 47.37
CA GLY A 65 -2.78 10.25 47.28
C GLY A 65 -1.70 11.31 47.35
N SER A 66 -0.47 10.83 47.31
CA SER A 66 0.73 11.65 47.49
C SER A 66 1.91 10.83 47.03
N GLY A 67 3.04 11.50 46.83
CA GLY A 67 4.28 10.80 46.48
C GLY A 67 4.19 10.25 45.09
N ASN A 68 4.19 8.93 44.98
CA ASN A 68 4.14 8.22 43.74
C ASN A 68 2.77 7.64 43.41
N SER A 69 1.78 7.66 44.33
CA SER A 69 0.55 6.84 44.19
C SER A 69 -0.71 7.62 44.36
N TYR A 70 -1.49 7.74 43.30
CA TYR A 70 -2.70 8.58 43.33
C TYR A 70 -3.89 7.76 42.90
N SER A 71 -5.08 8.20 43.28
CA SER A 71 -6.31 7.48 42.95
C SER A 71 -7.44 8.45 42.61
N LEU A 72 -8.33 7.99 41.74
CA LEU A 72 -9.56 8.69 41.43
C LEU A 72 -10.68 7.75 41.79
N THR A 73 -11.67 8.27 42.47
CA THR A 73 -12.71 7.39 42.96
C THR A 73 -14.05 7.97 42.60
N ILE A 74 -14.97 7.08 42.28
CA ILE A 74 -16.37 7.46 42.11
C ILE A 74 -17.15 6.64 43.12
N ARG A 75 -17.87 7.29 44.02
CA ARG A 75 -18.61 6.52 45.07
C ARG A 75 -19.82 5.77 44.49
N THR A 76 -20.61 6.45 43.65
CA THR A 76 -21.73 5.80 42.91
C THR A 76 -21.62 5.94 41.37
N MET A 77 -21.30 4.87 40.69
CA MET A 77 -21.16 4.89 39.22
C MET A 77 -22.47 5.28 38.55
N GLU A 78 -22.38 6.23 37.62
CA GLU A 78 -23.49 6.72 36.78
C GLU A 78 -23.21 6.44 35.27
N ALA A 79 -24.26 6.37 34.45
CA ALA A 79 -24.10 6.25 32.98
C ALA A 79 -23.24 7.41 32.34
N GLU A 80 -23.41 8.64 32.82
CA GLU A 80 -22.59 9.76 32.30
C GLU A 80 -21.10 9.68 32.67
N ASP A 81 -20.67 8.71 33.48
CA ASP A 81 -19.26 8.60 33.89
C ASP A 81 -18.44 7.73 32.97
N VAL A 82 -19.11 7.15 31.98
CA VAL A 82 -18.45 6.36 30.95
C VAL A 82 -17.55 7.28 30.14
N ALA A 83 -16.29 6.90 30.01
CA ALA A 83 -15.25 7.79 29.52
C ALA A 83 -13.89 7.12 29.68
N THR A 84 -12.87 7.70 29.06
CA THR A 84 -11.51 7.39 29.42
C THR A 84 -10.95 8.44 30.37
N TYR A 85 -10.22 8.01 31.39
CA TYR A 85 -9.64 8.94 32.37
C TYR A 85 -8.12 8.86 32.31
N PHE A 86 -7.46 10.02 32.13
CA PHE A 86 -6.04 10.14 32.00
C PHE A 86 -5.47 10.91 33.18
N CYS A 87 -4.40 10.40 33.79
CA CYS A 87 -3.70 11.14 34.80
C CYS A 87 -2.57 11.88 34.09
N PHE A 88 -2.07 12.95 34.73
CA PHE A 88 -1.09 13.87 34.17
C PHE A 88 -0.24 14.45 35.29
N GLN A 89 1.07 14.51 35.09
CA GLN A 89 1.97 15.20 36.03
C GLN A 89 2.77 16.28 35.34
N ALA A 90 2.90 17.41 36.03
CA ALA A 90 3.65 18.56 35.55
C ALA A 90 4.70 19.01 36.59
N SER A 91 5.24 18.07 37.36
CA SER A 91 6.22 18.38 38.36
C SER A 91 7.64 18.30 37.82
N GLY A 92 7.86 17.65 36.68
CA GLY A 92 9.20 17.62 36.06
C GLY A 92 9.17 17.29 34.60
N TYR A 93 10.13 17.85 33.86
CA TYR A 93 10.18 17.65 32.40
C TYR A 93 10.80 16.30 32.04
N PRO A 94 10.29 15.64 30.99
CA PRO A 94 9.11 16.01 30.21
C PRO A 94 7.82 15.71 30.98
N LEU A 95 6.82 16.58 30.79
CA LEU A 95 5.52 16.36 31.37
C LEU A 95 4.93 15.11 30.72
N THR A 96 4.16 14.36 31.48
CA THR A 96 3.73 13.06 31.05
C THR A 96 2.29 12.74 31.49
N PHE A 97 1.62 11.94 30.66
CA PHE A 97 0.30 11.42 30.95
C PHE A 97 0.37 9.94 31.07
N GLY A 98 -0.59 9.37 31.81
CA GLY A 98 -0.77 7.94 31.86
C GLY A 98 -1.38 7.44 30.57
N GLY A 99 -1.36 6.13 30.43
CA GLY A 99 -2.02 5.52 29.29
C GLY A 99 -3.54 5.43 29.31
N GLY A 100 -4.19 5.86 30.39
CA GLY A 100 -5.64 5.89 30.46
C GLY A 100 -6.30 4.67 31.07
N THR A 101 -7.50 4.89 31.59
CA THR A 101 -8.34 3.84 32.19
C THR A 101 -9.71 4.01 31.55
N LYS A 102 -10.12 2.99 30.79
CA LYS A 102 -11.36 3.04 30.09
C LYS A 102 -12.46 2.48 31.01
N LEU A 103 -13.42 3.31 31.35
CA LEU A 103 -14.48 2.93 32.26
C LEU A 103 -15.80 2.62 31.54
N GLU A 104 -16.25 1.36 31.55
CA GLU A 104 -17.52 0.91 30.92
C GLU A 104 -18.64 0.75 31.98
N LEU A 105 -19.87 0.94 31.56
CA LEU A 105 -21.01 0.71 32.44
C LEU A 105 -21.55 -0.68 32.23
N LYS A 106 -21.58 -1.45 33.30
CA LYS A 106 -21.95 -2.87 33.24
C LYS A 106 -23.42 -2.95 33.59
N ARG A 107 -24.27 -2.80 32.57
CA ARG A 107 -25.74 -2.81 32.64
C ARG A 107 -26.31 -4.18 32.36
N THR A 108 -27.65 -4.32 32.27
CA THR A 108 -28.36 -5.62 32.00
C THR A 108 -28.32 -6.07 30.53
N VAL A 109 -28.44 -7.37 30.33
CA VAL A 109 -28.43 -7.93 29.01
C VAL A 109 -29.53 -7.28 28.13
N ALA A 110 -29.18 -7.00 26.86
CA ALA A 110 -30.18 -6.52 25.87
C ALA A 110 -29.86 -7.05 24.50
N ALA A 111 -30.87 -7.62 23.88
CA ALA A 111 -30.72 -8.38 22.67
C ALA A 111 -30.72 -7.39 21.50
N PRO A 112 -29.86 -7.63 20.49
CA PRO A 112 -29.83 -6.76 19.33
C PRO A 112 -31.05 -6.88 18.45
N SER A 113 -31.47 -5.76 17.85
CA SER A 113 -32.22 -5.81 16.58
C SER A 113 -31.21 -5.99 15.41
N VAL A 114 -31.60 -6.76 14.40
CA VAL A 114 -30.72 -7.15 13.31
C VAL A 114 -31.37 -6.73 12.00
N PHE A 115 -30.58 -6.08 11.15
CA PHE A 115 -31.03 -5.67 9.83
C PHE A 115 -29.96 -6.02 8.78
N ILE A 116 -30.40 -6.35 7.58
CA ILE A 116 -29.49 -6.59 6.46
C ILE A 116 -29.83 -5.67 5.30
N PHE A 117 -28.80 -5.09 4.67
CA PHE A 117 -28.96 -4.21 3.53
C PHE A 117 -28.25 -4.74 2.30
N PRO A 118 -28.97 -4.94 1.21
CA PRO A 118 -28.24 -5.31 -0.03
C PRO A 118 -27.52 -4.12 -0.63
N PRO A 119 -26.52 -4.35 -1.50
CA PRO A 119 -25.86 -3.18 -2.12
C PRO A 119 -26.83 -2.29 -2.90
N SER A 120 -26.58 -0.99 -2.98
CA SER A 120 -27.39 -0.09 -3.79
C SER A 120 -27.08 -0.34 -5.28
N ASP A 121 -28.03 0.01 -6.15
CA ASP A 121 -27.86 -0.14 -7.63
C ASP A 121 -26.72 0.73 -8.17
N GLU A 122 -26.48 1.85 -7.48
CA GLU A 122 -25.47 2.85 -7.82
C GLU A 122 -24.09 2.32 -7.49
N GLN A 123 -23.93 1.64 -6.37
CA GLN A 123 -22.65 1.03 -6.09
C GLN A 123 -22.33 -0.08 -7.09
N LEU A 124 -23.34 -0.85 -7.46
CA LEU A 124 -23.09 -2.02 -8.31
C LEU A 124 -22.52 -1.59 -9.68
N LYS A 125 -23.06 -0.52 -10.26
CA LYS A 125 -22.51 0.02 -11.52
C LYS A 125 -21.03 0.50 -11.42
N SER A 126 -20.55 0.86 -10.25
CA SER A 126 -19.13 1.19 -10.07
C SER A 126 -18.21 -0.06 -9.95
N GLY A 127 -18.80 -1.25 -9.89
CA GLY A 127 -17.98 -2.50 -9.86
C GLY A 127 -17.81 -3.19 -8.50
N THR A 128 -18.55 -2.70 -7.51
CA THR A 128 -18.39 -3.18 -6.15
C THR A 128 -19.73 -3.47 -5.48
N ALA A 129 -19.73 -4.50 -4.62
CA ALA A 129 -20.89 -4.81 -3.77
C ALA A 129 -20.51 -4.83 -2.26
N SER A 130 -21.11 -3.93 -1.49
CA SER A 130 -21.01 -3.87 -0.03
C SER A 130 -22.37 -4.34 0.53
N VAL A 131 -22.34 -5.38 1.33
CA VAL A 131 -23.53 -5.89 1.98
C VAL A 131 -23.34 -5.58 3.44
N VAL A 132 -24.40 -5.05 4.09
CA VAL A 132 -24.25 -4.57 5.45
C VAL A 132 -25.20 -5.25 6.45
N CYS A 133 -24.60 -5.77 7.52
CA CYS A 133 -25.34 -6.28 8.67
C CYS A 133 -25.27 -5.27 9.85
N LEU A 134 -26.44 -4.79 10.29
CA LEU A 134 -26.54 -3.91 11.44
C LEU A 134 -27.10 -4.62 12.71
N LEU A 135 -26.37 -4.51 13.81
CA LEU A 135 -26.85 -4.97 15.14
C LEU A 135 -27.06 -3.77 15.98
N ASN A 136 -28.30 -3.47 16.28
CA ASN A 136 -28.63 -2.23 16.98
C ASN A 136 -28.99 -2.41 18.47
N ASN A 137 -28.43 -1.57 19.33
CA ASN A 137 -28.80 -1.42 20.78
C ASN A 137 -28.74 -2.67 21.62
N PHE A 138 -27.55 -3.21 21.80
CA PHE A 138 -27.40 -4.44 22.52
C PHE A 138 -26.35 -4.35 23.62
N TYR A 139 -26.32 -5.37 24.47
CA TYR A 139 -25.40 -5.42 25.62
C TYR A 139 -25.36 -6.85 26.15
N PRO A 140 -24.16 -7.39 26.39
CA PRO A 140 -22.80 -6.83 26.35
C PRO A 140 -22.23 -6.68 24.94
N ARG A 141 -20.99 -6.18 24.88
CA ARG A 141 -20.26 -5.96 23.62
C ARG A 141 -20.04 -7.24 22.79
N GLU A 142 -19.77 -8.38 23.44
CA GLU A 142 -19.47 -9.64 22.72
C GLU A 142 -20.64 -10.12 21.84
N ALA A 143 -20.41 -10.22 20.55
CA ALA A 143 -21.38 -10.74 19.59
C ALA A 143 -20.66 -11.52 18.51
N LYS A 144 -21.40 -12.38 17.85
CA LYS A 144 -20.81 -13.21 16.82
C LYS A 144 -21.63 -12.97 15.59
N VAL A 145 -21.02 -12.29 14.62
CA VAL A 145 -21.68 -12.09 13.34
C VAL A 145 -20.93 -12.94 12.34
N GLN A 146 -21.69 -13.80 11.66
CA GLN A 146 -21.16 -14.70 10.66
C GLN A 146 -21.93 -14.52 9.35
N TRP A 147 -21.18 -14.34 8.26
CA TRP A 147 -21.75 -14.25 6.93
C TRP A 147 -21.84 -15.61 6.30
N LYS A 148 -22.95 -15.88 5.65
CA LYS A 148 -23.13 -17.06 4.82
C LYS A 148 -23.55 -16.60 3.43
N VAL A 149 -22.87 -17.11 2.42
CA VAL A 149 -23.24 -16.88 1.02
C VAL A 149 -23.59 -18.24 0.43
N ASP A 150 -24.84 -18.40 -0.01
CA ASP A 150 -25.36 -19.74 -0.38
C ASP A 150 -24.95 -20.75 0.70
N ASN A 151 -25.40 -20.48 1.91
CA ASN A 151 -25.17 -21.34 3.10
C ASN A 151 -23.73 -21.71 3.38
N ALA A 152 -22.76 -21.03 2.76
CA ALA A 152 -21.34 -21.26 3.02
C ALA A 152 -20.78 -20.15 3.93
N LEU A 153 -20.25 -20.54 5.09
CA LEU A 153 -19.54 -19.63 6.02
C LEU A 153 -18.42 -18.84 5.36
N GLN A 154 -18.37 -17.52 5.58
CA GLN A 154 -17.30 -16.69 5.07
C GLN A 154 -16.21 -16.48 6.08
N SER A 155 -14.99 -16.26 5.57
CA SER A 155 -13.80 -16.00 6.38
C SER A 155 -12.95 -14.88 5.75
N GLY A 156 -12.54 -13.92 6.58
CA GLY A 156 -11.50 -12.96 6.23
C GLY A 156 -11.91 -11.88 5.25
N ASN A 157 -13.20 -11.75 4.95
CA ASN A 157 -13.70 -10.80 3.94
C ASN A 157 -14.79 -9.81 4.44
N SER A 158 -14.84 -9.60 5.75
CA SER A 158 -15.79 -8.71 6.38
C SER A 158 -15.07 -7.91 7.47
N GLN A 159 -15.49 -6.67 7.61
CA GLN A 159 -14.93 -5.76 8.63
C GLN A 159 -16.09 -5.35 9.51
N GLU A 160 -15.78 -5.25 10.82
CA GLU A 160 -16.74 -4.90 11.86
C GLU A 160 -16.39 -3.54 12.42
N SER A 161 -17.42 -2.77 12.75
CA SER A 161 -17.24 -1.52 13.48
C SER A 161 -18.27 -1.39 14.61
N VAL A 162 -17.84 -0.87 15.78
CA VAL A 162 -18.70 -0.79 16.98
C VAL A 162 -18.80 0.62 17.52
N THR A 163 -19.99 1.06 17.89
CA THR A 163 -20.09 2.38 18.50
C THR A 163 -19.53 2.29 19.89
N GLU A 164 -19.16 3.44 20.43
CA GLU A 164 -18.98 3.59 21.86
C GLU A 164 -20.34 3.35 22.59
N GLN A 165 -20.28 3.13 23.91
CA GLN A 165 -21.47 3.06 24.75
C GLN A 165 -22.33 4.32 24.70
N ASP A 166 -23.61 4.12 24.45
CA ASP A 166 -24.60 5.21 24.35
C ASP A 166 -24.68 5.95 25.68
N SER A 167 -24.83 7.28 25.63
CA SER A 167 -24.94 8.10 26.84
C SER A 167 -26.17 7.74 27.69
N LYS A 168 -27.35 7.60 27.04
CA LYS A 168 -28.63 7.34 27.76
C LYS A 168 -28.79 5.88 28.20
N ASP A 169 -28.81 4.92 27.27
CA ASP A 169 -29.18 3.51 27.59
C ASP A 169 -27.98 2.55 27.78
N SER A 170 -26.78 3.06 27.57
CA SER A 170 -25.54 2.28 27.71
C SER A 170 -25.40 1.02 26.82
N THR A 171 -26.06 1.01 25.66
CA THR A 171 -25.90 -0.10 24.73
C THR A 171 -24.86 0.23 23.65
N TYR A 172 -24.59 -0.79 22.83
CA TYR A 172 -23.74 -0.76 21.69
C TYR A 172 -24.53 -0.94 20.39
N SER A 173 -23.94 -0.52 19.30
CA SER A 173 -24.40 -0.87 17.98
C SER A 173 -23.17 -1.33 17.18
N LEU A 174 -23.43 -2.22 16.24
CA LEU A 174 -22.39 -2.85 15.45
C LEU A 174 -22.80 -2.94 13.96
N SER A 175 -21.93 -2.53 13.06
CA SER A 175 -22.11 -2.82 11.63
C SER A 175 -21.04 -3.80 11.16
N SER A 176 -21.42 -4.73 10.31
CA SER A 176 -20.45 -5.58 9.62
C SER A 176 -20.69 -5.51 8.13
N THR A 177 -19.58 -5.32 7.40
CA THR A 177 -19.65 -5.11 5.97
C THR A 177 -18.88 -6.21 5.27
N LEU A 178 -19.56 -6.92 4.37
CA LEU A 178 -19.00 -7.97 3.51
C LEU A 178 -18.76 -7.29 2.17
N THR A 179 -17.51 -7.17 1.77
CA THR A 179 -17.21 -6.44 0.54
C THR A 179 -16.71 -7.40 -0.53
N LEU A 180 -17.32 -7.35 -1.71
CA LEU A 180 -16.76 -8.02 -2.89
C LEU A 180 -17.09 -7.37 -4.24
N SER A 181 -16.36 -7.78 -5.26
CA SER A 181 -16.60 -7.23 -6.61
C SER A 181 -18.01 -7.58 -7.06
N LYS A 182 -18.56 -6.77 -7.93
CA LYS A 182 -19.88 -7.03 -8.51
C LYS A 182 -19.90 -8.37 -9.24
N ALA A 183 -18.83 -8.67 -9.97
CA ALA A 183 -18.76 -9.94 -10.72
C ALA A 183 -18.88 -11.11 -9.73
N ASP A 184 -18.14 -11.07 -8.62
CA ASP A 184 -18.27 -12.14 -7.60
C ASP A 184 -19.67 -12.17 -6.94
N TYR A 185 -20.18 -11.00 -6.58
CA TYR A 185 -21.49 -10.85 -5.98
C TYR A 185 -22.61 -11.45 -6.84
N GLU A 186 -22.57 -11.24 -8.14
CA GLU A 186 -23.61 -11.79 -9.04
C GLU A 186 -23.52 -13.30 -9.32
N LYS A 187 -22.44 -13.96 -8.87
CA LYS A 187 -22.30 -15.39 -8.92
C LYS A 187 -22.98 -16.18 -7.76
N HIS A 188 -23.63 -15.50 -6.82
CA HIS A 188 -24.28 -16.18 -5.72
C HIS A 188 -25.62 -15.57 -5.54
N LYS A 189 -26.51 -16.30 -4.89
CA LYS A 189 -27.91 -15.93 -4.81
C LYS A 189 -28.35 -15.43 -3.42
N VAL A 190 -27.92 -16.08 -2.35
CA VAL A 190 -28.51 -15.83 -1.04
C VAL A 190 -27.43 -15.28 -0.16
N TYR A 191 -27.69 -14.11 0.42
CA TYR A 191 -26.75 -13.54 1.40
C TYR A 191 -27.47 -13.42 2.74
N ALA A 192 -26.78 -13.85 3.79
CA ALA A 192 -27.35 -13.91 5.11
C ALA A 192 -26.28 -13.57 6.14
N CYS A 193 -26.71 -12.90 7.22
CA CYS A 193 -25.90 -12.81 8.44
C CYS A 193 -26.60 -13.54 9.59
N GLU A 194 -25.78 -14.17 10.42
CA GLU A 194 -26.22 -14.97 11.56
C GLU A 194 -25.58 -14.38 12.80
N VAL A 195 -26.42 -13.95 13.72
CA VAL A 195 -25.98 -13.29 14.95
C VAL A 195 -26.15 -14.18 16.18
N THR A 196 -25.08 -14.42 16.89
CA THR A 196 -25.18 -15.00 18.22
C THR A 196 -24.82 -13.98 19.30
N HIS A 197 -25.61 -14.03 20.36
CA HIS A 197 -25.51 -13.08 21.46
C HIS A 197 -26.28 -13.58 22.68
N GLN A 198 -25.69 -13.46 23.85
CA GLN A 198 -26.34 -14.02 25.05
C GLN A 198 -27.78 -13.52 25.35
N GLY A 199 -28.13 -12.34 24.86
CA GLY A 199 -29.54 -11.90 24.86
C GLY A 199 -30.51 -12.62 23.93
N LEU A 200 -30.02 -13.62 23.19
CA LEU A 200 -30.84 -14.36 22.24
C LEU A 200 -30.83 -15.86 22.56
N SER A 201 -32.04 -16.42 22.54
CA SER A 201 -32.28 -17.85 22.74
C SER A 201 -31.48 -18.67 21.72
N SER A 202 -31.83 -18.55 20.44
CA SER A 202 -31.08 -19.21 19.35
C SER A 202 -30.48 -18.15 18.42
N PRO A 203 -29.41 -18.51 17.68
CA PRO A 203 -28.87 -17.58 16.68
C PRO A 203 -29.96 -17.02 15.74
N VAL A 204 -29.86 -15.73 15.43
CA VAL A 204 -30.84 -15.05 14.58
C VAL A 204 -30.17 -14.85 13.20
N THR A 205 -30.94 -15.13 12.15
CA THR A 205 -30.47 -15.01 10.77
C THR A 205 -31.38 -14.04 10.03
N LYS A 206 -30.74 -13.10 9.35
CA LYS A 206 -31.40 -12.23 8.38
C LYS A 206 -30.76 -12.42 7.00
N SER A 207 -31.60 -12.45 5.96
CA SER A 207 -31.11 -12.77 4.64
C SER A 207 -31.92 -12.19 3.49
N PHE A 208 -31.30 -12.14 2.31
CA PHE A 208 -32.02 -11.74 1.12
C PHE A 208 -31.52 -12.54 -0.11
N ASN A 209 -32.31 -12.42 -1.16
CA ASN A 209 -32.05 -13.00 -2.45
C ASN A 209 -31.75 -11.93 -3.47
N ARG A 210 -30.56 -11.96 -4.06
CA ARG A 210 -30.28 -11.03 -5.14
C ARG A 210 -31.41 -11.04 -6.18
N GLY A 211 -32.05 -9.89 -6.36
CA GLY A 211 -33.27 -9.74 -7.20
C GLY A 211 -34.36 -8.90 -6.55
N GLN B 1 -12.86 35.46 28.79
CA GLN B 1 -13.13 34.01 28.61
C GLN B 1 -12.02 33.45 27.73
N VAL B 2 -11.19 32.60 28.32
CA VAL B 2 -10.08 31.99 27.59
C VAL B 2 -10.64 31.12 26.48
N GLN B 3 -10.17 31.34 25.24
CA GLN B 3 -10.50 30.45 24.12
C GLN B 3 -9.23 30.20 23.35
N LEU B 4 -9.17 29.00 22.81
CA LEU B 4 -8.11 28.57 21.94
C LEU B 4 -8.75 27.84 20.76
N LYS B 5 -8.17 28.01 19.58
CA LYS B 5 -8.63 27.33 18.38
C LYS B 5 -7.43 26.98 17.47
N GLU B 6 -7.27 25.72 17.08
CA GLU B 6 -6.13 25.33 16.23
C GLU B 6 -6.58 25.37 14.80
N SER B 7 -5.68 25.75 13.87
CA SER B 7 -5.85 25.33 12.47
C SER B 7 -4.56 24.92 11.78
N GLY B 8 -4.69 23.88 10.96
CA GLY B 8 -3.57 23.30 10.24
C GLY B 8 -4.03 22.51 9.03
N PRO B 9 -3.08 21.92 8.27
CA PRO B 9 -3.43 21.09 7.13
C PRO B 9 -3.93 19.75 7.64
N GLY B 10 -4.86 19.13 6.93
CA GLY B 10 -5.33 17.79 7.29
C GLY B 10 -4.37 16.68 6.89
N LEU B 11 -3.55 16.95 5.88
CA LEU B 11 -2.73 15.92 5.23
C LEU B 11 -1.40 16.52 4.85
N VAL B 12 -0.30 15.85 5.22
CA VAL B 12 1.04 16.26 4.77
C VAL B 12 1.88 15.01 4.52
N ALA B 13 2.90 15.11 3.69
CA ALA B 13 3.67 13.93 3.29
C ALA B 13 4.82 13.75 4.25
N PRO B 14 5.34 12.50 4.33
CA PRO B 14 6.52 12.18 5.11
C PRO B 14 7.74 12.98 4.69
N SER B 15 8.63 13.21 5.66
CA SER B 15 9.83 14.07 5.57
C SER B 15 9.57 15.58 5.31
N GLN B 16 8.37 15.97 4.85
CA GLN B 16 7.97 17.40 4.83
C GLN B 16 7.82 18.01 6.24
N SER B 17 7.38 19.25 6.33
CA SER B 17 7.19 19.88 7.62
C SER B 17 5.73 20.21 7.88
N LEU B 18 5.35 20.13 9.14
CA LEU B 18 4.00 20.42 9.57
C LEU B 18 4.01 21.74 10.26
N SER B 19 3.05 22.59 9.96
CA SER B 19 2.87 23.76 10.78
C SER B 19 1.37 24.03 11.11
N ILE B 20 1.09 24.29 12.39
CA ILE B 20 -0.25 24.56 12.92
C ILE B 20 -0.25 25.88 13.68
N THR B 21 -1.38 26.58 13.63
CA THR B 21 -1.56 27.86 14.27
C THR B 21 -2.64 27.74 15.35
N CYS B 22 -2.39 28.40 16.47
CA CYS B 22 -3.38 28.53 17.52
C CYS B 22 -3.70 30.00 17.69
N THR B 23 -4.96 30.35 17.50
CA THR B 23 -5.43 31.70 17.76
C THR B 23 -6.01 31.68 19.15
N VAL B 24 -5.60 32.65 19.96
CA VAL B 24 -5.98 32.71 21.37
C VAL B 24 -6.71 34.00 21.69
N SER B 25 -7.39 33.97 22.80
CA SER B 25 -8.30 35.03 23.17
C SER B 25 -8.57 34.90 24.69
N GLY B 26 -8.79 36.04 25.33
CA GLY B 26 -9.14 36.09 26.76
C GLY B 26 -7.98 36.21 27.74
N PHE B 27 -6.75 36.36 27.26
CA PHE B 27 -5.59 36.49 28.17
C PHE B 27 -4.43 37.09 27.41
N SER B 28 -3.42 37.56 28.14
CA SER B 28 -2.24 38.10 27.50
C SER B 28 -1.21 37.01 27.24
N LEU B 29 -0.75 36.89 26.01
CA LEU B 29 0.34 36.00 25.70
C LEU B 29 1.66 36.41 26.38
N ASN B 30 1.86 37.70 26.68
CA ASN B 30 3.08 38.15 27.38
C ASN B 30 3.13 37.58 28.80
N SER B 31 1.97 37.28 29.35
CA SER B 31 1.83 36.85 30.74
C SER B 31 1.73 35.32 30.92
N TYR B 32 1.26 34.59 29.92
CA TYR B 32 0.86 33.19 30.12
C TYR B 32 1.49 32.24 29.13
N GLY B 33 1.96 31.11 29.64
CA GLY B 33 2.44 30.03 28.78
C GLY B 33 1.33 29.27 28.07
N VAL B 34 1.60 28.84 26.83
CA VAL B 34 0.72 28.02 26.05
C VAL B 34 1.44 26.74 25.59
N SER B 35 0.75 25.61 25.68
CA SER B 35 1.36 24.30 25.45
C SER B 35 0.74 23.59 24.29
N TRP B 36 1.44 22.55 23.84
CA TRP B 36 0.96 21.68 22.81
C TRP B 36 1.02 20.21 23.23
N VAL B 37 -0.04 19.50 22.88
CA VAL B 37 -0.25 18.15 23.27
C VAL B 37 -0.77 17.45 22.00
N ARG B 38 -0.37 16.21 21.78
CA ARG B 38 -1.02 15.47 20.71
C ARG B 38 -1.56 14.14 21.16
N GLN B 39 -2.41 13.57 20.32
CA GLN B 39 -3.00 12.28 20.61
C GLN B 39 -3.01 11.40 19.37
N PRO B 40 -2.14 10.39 19.29
CA PRO B 40 -2.23 9.54 18.08
C PRO B 40 -3.57 8.83 18.08
N PRO B 41 -4.14 8.55 16.90
CA PRO B 41 -5.56 8.14 16.92
C PRO B 41 -5.70 6.78 17.62
N GLY B 42 -6.67 6.68 18.54
CA GLY B 42 -6.84 5.51 19.39
C GLY B 42 -5.72 5.21 20.40
N LYS B 43 -5.00 6.24 20.86
CA LYS B 43 -3.90 6.06 21.82
C LYS B 43 -3.99 7.15 22.91
N GLY B 44 -2.94 7.29 23.73
CA GLY B 44 -2.96 8.31 24.79
C GLY B 44 -2.42 9.68 24.39
N LEU B 45 -2.19 10.49 25.41
CA LEU B 45 -1.79 11.85 25.26
C LEU B 45 -0.28 11.98 25.44
N GLU B 46 0.35 12.80 24.60
CA GLU B 46 1.76 13.15 24.74
C GLU B 46 1.93 14.67 24.71
N TRP B 47 2.63 15.20 25.72
CA TRP B 47 3.00 16.61 25.77
C TRP B 47 4.19 16.89 24.83
N LEU B 48 4.09 17.93 24.02
CA LEU B 48 5.13 18.26 23.07
C LEU B 48 5.99 19.42 23.56
N GLY B 49 5.37 20.46 24.07
CA GLY B 49 6.10 21.63 24.49
C GLY B 49 5.28 22.82 24.96
N VAL B 50 6.00 23.85 25.38
CA VAL B 50 5.43 25.03 25.96
C VAL B 50 6.29 26.21 25.58
N ILE B 51 5.61 27.31 25.26
CA ILE B 51 6.24 28.59 25.14
C ILE B 51 5.74 29.48 26.28
N TRP B 52 6.64 29.96 27.12
CA TRP B 52 6.27 30.85 28.21
C TRP B 52 5.97 32.27 27.70
N GLY B 53 5.39 33.08 28.60
CA GLY B 53 5.12 34.49 28.30
C GLY B 53 6.35 35.30 27.83
N ASP B 54 7.53 35.03 28.40
CA ASP B 54 8.74 35.78 28.04
C ASP B 54 9.33 35.36 26.68
N GLY B 55 8.86 34.21 26.19
CA GLY B 55 9.22 33.68 24.88
C GLY B 55 10.12 32.46 25.00
N SER B 56 10.55 32.06 26.18
CA SER B 56 11.42 30.89 26.32
C SER B 56 10.57 29.62 26.13
N THR B 57 11.23 28.51 25.79
CA THR B 57 10.53 27.30 25.46
C THR B 57 11.17 26.08 26.12
N ASN B 58 10.32 25.06 26.32
CA ASN B 58 10.69 23.76 26.75
C ASN B 58 9.99 22.77 25.83
N TYR B 59 10.74 21.78 25.33
CA TYR B 59 10.24 20.75 24.43
C TYR B 59 10.45 19.36 25.04
N HIS B 60 9.60 18.40 24.63
CA HIS B 60 9.81 16.99 24.97
C HIS B 60 11.08 16.55 24.24
N SER B 61 12.05 15.98 24.97
CA SER B 61 13.38 15.66 24.37
C SER B 61 13.33 14.51 23.37
N ALA B 62 12.39 13.59 23.54
CA ALA B 62 12.05 12.56 22.53
C ALA B 62 11.82 13.04 21.12
N LEU B 63 11.39 14.29 20.96
CA LEU B 63 11.21 14.82 19.63
C LEU B 63 12.50 15.11 18.85
N MET B 64 13.66 15.06 19.50
CA MET B 64 14.98 15.21 18.83
C MET B 64 15.18 16.61 18.17
N SER B 65 14.68 17.65 18.85
CA SER B 65 14.57 19.01 18.31
C SER B 65 14.08 19.08 16.82
N ARG B 66 13.09 18.27 16.48
CA ARG B 66 12.32 18.44 15.26
C ARG B 66 11.19 19.47 15.46
N LEU B 67 10.92 19.86 16.71
CA LEU B 67 9.83 20.77 17.03
C LEU B 67 10.33 22.14 17.38
N ARG B 68 9.66 23.16 16.84
CA ARG B 68 9.83 24.53 17.23
C ARG B 68 8.45 25.11 17.53
N ILE B 69 8.35 25.88 18.62
CA ILE B 69 7.14 26.57 18.97
C ILE B 69 7.51 28.03 19.03
N SER B 70 6.68 28.86 18.40
CA SER B 70 6.86 30.29 18.36
C SER B 70 5.51 31.02 18.52
N LYS B 71 5.59 32.34 18.71
CA LYS B 71 4.43 33.18 18.82
C LYS B 71 4.64 34.61 18.34
N ASP B 72 3.52 35.28 18.00
CA ASP B 72 3.45 36.71 17.71
C ASP B 72 2.37 37.36 18.56
N ASN B 73 2.76 38.25 19.46
CA ASN B 73 1.84 38.82 20.42
C ASN B 73 0.71 39.69 19.78
N SER B 74 1.05 40.48 18.76
CA SER B 74 0.07 41.40 18.15
C SER B 74 -1.00 40.62 17.38
N LYS B 75 -0.62 39.50 16.76
CA LYS B 75 -1.58 38.60 16.10
C LYS B 75 -2.40 37.68 17.05
N ARG B 76 -1.97 37.53 18.31
CA ARG B 76 -2.58 36.63 19.27
C ARG B 76 -2.45 35.17 18.77
N GLN B 77 -1.32 34.82 18.18
CA GLN B 77 -1.15 33.46 17.60
C GLN B 77 0.05 32.78 18.16
N VAL B 78 -0.08 31.46 18.30
CA VAL B 78 1.01 30.57 18.70
C VAL B 78 1.15 29.56 17.61
N PHE B 79 2.38 29.29 17.19
CA PHE B 79 2.69 28.45 16.00
C PHE B 79 3.43 27.19 16.40
N LEU B 80 2.94 26.04 15.97
CA LEU B 80 3.67 24.80 16.12
C LEU B 80 4.33 24.50 14.81
N LYS B 81 5.60 24.21 14.82
CA LYS B 81 6.27 23.78 13.64
C LYS B 81 7.02 22.49 13.89
N LEU B 82 6.74 21.47 13.09
CA LEU B 82 7.34 20.15 13.25
C LEU B 82 7.98 19.67 11.94
N ASN B 83 9.28 19.40 11.99
CA ASN B 83 10.07 19.08 10.79
C ASN B 83 10.39 17.59 10.66
N SER B 84 10.67 17.19 9.43
CA SER B 84 11.04 15.82 9.00
C SER B 84 10.10 14.75 9.53
N LEU B 85 8.88 14.86 9.04
CA LEU B 85 7.75 14.09 9.56
C LEU B 85 7.84 12.58 9.28
N GLN B 86 7.36 11.78 10.22
CA GLN B 86 7.30 10.34 10.13
C GLN B 86 5.82 9.99 10.28
N THR B 87 5.39 8.84 9.79
CA THR B 87 3.98 8.49 9.90
C THR B 87 3.53 8.44 11.39
N ASP B 88 4.46 8.23 12.31
CA ASP B 88 4.22 8.26 13.78
C ASP B 88 3.74 9.60 14.31
N ASP B 89 3.94 10.69 13.58
CA ASP B 89 3.47 12.00 14.02
C ASP B 89 2.01 12.21 13.69
N THR B 90 1.36 11.27 13.01
CA THR B 90 -0.08 11.41 12.70
C THR B 90 -0.83 11.42 14.03
N ALA B 91 -1.65 12.43 14.25
CA ALA B 91 -2.28 12.67 15.54
C ALA B 91 -3.30 13.79 15.46
N THR B 92 -4.19 13.85 16.48
CA THR B 92 -4.91 15.10 16.78
C THR B 92 -4.02 16.02 17.63
N TYR B 93 -3.79 17.26 17.17
CA TYR B 93 -2.87 18.22 17.87
C TYR B 93 -3.74 19.22 18.64
N TYR B 94 -3.45 19.46 19.92
CA TYR B 94 -4.20 20.41 20.72
C TYR B 94 -3.28 21.52 21.25
N CYS B 95 -3.75 22.78 21.22
CA CYS B 95 -3.15 23.83 22.02
C CYS B 95 -3.93 23.96 23.35
N THR B 96 -3.21 24.21 24.42
CA THR B 96 -3.82 24.17 25.71
C THR B 96 -3.07 25.05 26.72
N LYS B 97 -3.80 25.42 27.77
CA LYS B 97 -3.31 26.38 28.73
C LYS B 97 -3.76 26.05 30.13
N PRO B 98 -2.85 26.17 31.11
CA PRO B 98 -3.31 25.99 32.51
C PRO B 98 -4.20 27.09 32.97
N GLY B 99 -4.94 26.83 34.05
CA GLY B 99 -5.69 27.89 34.75
C GLY B 99 -4.97 28.16 36.05
N SER B 100 -5.57 27.70 37.14
CA SER B 100 -4.92 27.67 38.44
C SER B 100 -3.89 26.51 38.49
N GLY B 101 -2.64 26.80 38.88
CA GLY B 101 -1.59 25.79 39.01
C GLY B 101 -1.08 25.39 37.63
N TYR B 102 -0.69 24.11 37.46
CA TYR B 102 -0.14 23.63 36.18
C TYR B 102 -0.97 22.61 35.44
N ALA B 103 -2.14 22.26 35.94
CA ALA B 103 -2.99 21.39 35.16
C ALA B 103 -3.50 22.19 33.95
N PHE B 104 -3.58 21.55 32.79
CA PHE B 104 -4.17 22.20 31.62
C PHE B 104 -5.71 22.25 31.75
N ALA B 105 -6.26 23.46 31.78
CA ALA B 105 -7.70 23.66 31.95
C ALA B 105 -8.45 24.10 30.70
N TYR B 106 -7.76 24.70 29.73
CA TYR B 106 -8.41 25.11 28.46
C TYR B 106 -7.76 24.42 27.30
N TRP B 107 -8.59 23.84 26.45
CA TRP B 107 -8.14 23.07 25.33
C TRP B 107 -8.82 23.61 24.09
N GLY B 108 -8.12 23.63 22.96
CA GLY B 108 -8.78 23.86 21.69
C GLY B 108 -9.56 22.63 21.31
N GLN B 109 -10.37 22.72 20.25
CA GLN B 109 -11.09 21.56 19.69
C GLN B 109 -10.11 20.46 19.17
N GLY B 110 -8.93 20.87 18.76
CA GLY B 110 -7.93 19.94 18.24
C GLY B 110 -8.03 19.85 16.72
N THR B 111 -6.94 19.44 16.08
CA THR B 111 -6.94 19.34 14.64
C THR B 111 -6.22 18.08 14.24
N LEU B 112 -6.89 17.22 13.50
CA LEU B 112 -6.31 15.95 13.06
C LEU B 112 -5.32 16.18 11.92
N VAL B 113 -4.10 15.69 12.11
CA VAL B 113 -3.11 15.72 11.07
C VAL B 113 -2.73 14.28 10.73
N THR B 114 -2.87 13.97 9.44
CA THR B 114 -2.45 12.71 8.91
C THR B 114 -1.18 12.89 8.09
N VAL B 115 -0.18 12.06 8.37
CA VAL B 115 1.10 12.09 7.71
C VAL B 115 1.11 10.90 6.80
N SER B 116 1.10 11.12 5.48
CA SER B 116 1.05 10.01 4.52
C SER B 116 1.46 10.44 3.12
N SER B 117 2.16 9.56 2.41
CA SER B 117 2.43 9.80 0.97
C SER B 117 1.15 9.72 0.06
N ALA B 118 0.05 9.19 0.58
CA ALA B 118 -1.19 9.06 -0.19
C ALA B 118 -1.90 10.39 -0.43
N SER B 119 -2.84 10.38 -1.38
CA SER B 119 -3.50 11.60 -1.83
C SER B 119 -4.95 11.65 -1.35
N THR B 120 -5.45 12.86 -1.28
CA THR B 120 -6.84 13.11 -0.99
C THR B 120 -7.77 12.34 -1.93
N LYS B 121 -8.80 11.73 -1.36
CA LYS B 121 -9.94 11.23 -2.11
C LYS B 121 -11.23 11.49 -1.35
N GLY B 122 -12.19 12.09 -2.03
CA GLY B 122 -13.53 12.29 -1.53
C GLY B 122 -14.31 11.00 -1.54
N PRO B 123 -15.28 10.84 -0.63
CA PRO B 123 -16.06 9.62 -0.58
C PRO B 123 -17.12 9.55 -1.66
N SER B 124 -17.50 8.32 -1.98
CA SER B 124 -18.80 8.04 -2.59
C SER B 124 -19.77 7.74 -1.45
N VAL B 125 -21.01 8.12 -1.66
CA VAL B 125 -22.02 7.93 -0.64
C VAL B 125 -23.16 7.10 -1.26
N PHE B 126 -23.50 5.98 -0.63
CA PHE B 126 -24.50 5.04 -1.14
C PHE B 126 -25.57 4.83 -0.08
N PRO B 127 -26.84 4.86 -0.49
CA PRO B 127 -27.91 4.58 0.48
C PRO B 127 -27.93 3.14 0.93
N LEU B 128 -28.27 2.95 2.21
CA LEU B 128 -28.64 1.68 2.79
C LEU B 128 -30.13 1.82 3.02
N ALA B 129 -30.90 1.27 2.07
CA ALA B 129 -32.34 1.47 1.97
C ALA B 129 -33.05 0.53 2.90
N PRO B 130 -34.11 1.03 3.55
CA PRO B 130 -34.90 0.27 4.54
C PRO B 130 -35.81 -0.76 3.92
N GLY B 138 -42.32 -2.66 14.95
CA GLY B 138 -42.60 -1.56 14.03
C GLY B 138 -41.48 -0.55 13.93
N THR B 139 -40.25 -1.07 13.81
CA THR B 139 -38.98 -0.27 13.82
C THR B 139 -38.10 -0.56 12.57
N ALA B 140 -37.89 0.46 11.73
CA ALA B 140 -37.06 0.36 10.52
C ALA B 140 -35.67 1.02 10.62
N ALA B 141 -34.65 0.42 10.04
CA ALA B 141 -33.34 1.08 9.98
C ALA B 141 -33.00 1.50 8.53
N LEU B 142 -32.29 2.60 8.43
CA LEU B 142 -31.83 3.07 7.14
C LEU B 142 -30.52 3.81 7.36
N GLY B 143 -29.83 4.09 6.30
CA GLY B 143 -28.45 4.48 6.46
C GLY B 143 -27.77 4.97 5.24
N CYS B 144 -26.56 5.46 5.40
CA CYS B 144 -25.72 5.67 4.24
C CYS B 144 -24.33 5.11 4.46
N LEU B 145 -23.78 4.60 3.39
CA LEU B 145 -22.46 4.02 3.40
C LEU B 145 -21.51 5.07 2.79
N VAL B 146 -20.52 5.48 3.55
CA VAL B 146 -19.59 6.50 3.10
C VAL B 146 -18.28 5.81 2.84
N LYS B 147 -18.05 5.55 1.56
CA LYS B 147 -17.01 4.63 1.12
C LYS B 147 -15.84 5.28 0.37
N ASP B 148 -14.65 4.80 0.71
CA ASP B 148 -13.43 5.06 -0.03
C ASP B 148 -12.99 6.50 -0.04
N TYR B 149 -12.59 6.98 1.14
CA TYR B 149 -12.16 8.38 1.29
C TYR B 149 -10.91 8.42 2.06
N PHE B 150 -10.21 9.54 1.90
CA PHE B 150 -8.92 9.72 2.53
C PHE B 150 -8.56 11.18 2.53
N PRO B 151 -8.02 11.70 3.62
CA PRO B 151 -7.89 11.05 4.91
C PRO B 151 -9.19 11.28 5.75
N GLU B 152 -9.15 10.84 7.00
CA GLU B 152 -10.12 11.16 8.03
C GLU B 152 -10.02 12.66 8.32
N PRO B 153 -11.13 13.31 8.71
CA PRO B 153 -12.45 12.77 9.04
C PRO B 153 -13.62 13.20 8.08
N VAL B 154 -14.73 12.48 8.22
CA VAL B 154 -15.98 12.74 7.54
C VAL B 154 -16.96 13.12 8.64
N THR B 155 -17.84 14.06 8.35
CA THR B 155 -18.93 14.35 9.27
C THR B 155 -20.21 13.99 8.56
N VAL B 156 -21.11 13.37 9.32
CA VAL B 156 -22.40 12.94 8.80
C VAL B 156 -23.45 13.49 9.74
N SER B 157 -24.48 14.13 9.19
CA SER B 157 -25.70 14.38 9.92
C SER B 157 -26.91 13.90 9.08
N TRP B 158 -28.06 13.78 9.72
CA TRP B 158 -29.32 13.38 9.10
C TRP B 158 -30.34 14.54 9.13
N ASN B 159 -30.95 14.89 7.99
CA ASN B 159 -31.90 16.03 7.85
C ASN B 159 -31.35 17.28 8.47
N SER B 160 -30.09 17.53 8.14
CA SER B 160 -29.29 18.66 8.62
C SER B 160 -29.26 18.93 10.12
N GLY B 161 -29.32 17.90 10.95
CA GLY B 161 -29.30 18.05 12.42
C GLY B 161 -30.65 17.82 13.06
N ALA B 162 -31.75 18.05 12.31
CA ALA B 162 -33.12 17.83 12.81
C ALA B 162 -33.38 16.42 13.35
N LEU B 163 -32.53 15.47 12.99
CA LEU B 163 -32.72 14.09 13.37
C LEU B 163 -31.45 13.61 14.04
N THR B 164 -31.51 13.46 15.36
CA THR B 164 -30.38 12.99 16.18
C THR B 164 -30.68 11.78 17.06
N SER B 165 -31.96 11.61 17.43
CA SER B 165 -32.47 10.41 18.11
C SER B 165 -32.45 9.25 17.16
N GLY B 166 -31.87 8.15 17.61
CA GLY B 166 -31.74 6.92 16.82
C GLY B 166 -30.49 6.85 15.94
N VAL B 167 -29.66 7.91 15.90
CA VAL B 167 -28.55 8.01 14.96
C VAL B 167 -27.30 7.39 15.54
N HIS B 168 -26.73 6.40 14.86
CA HIS B 168 -25.43 5.86 15.23
C HIS B 168 -24.49 5.96 14.02
N THR B 169 -23.36 6.63 14.21
CA THR B 169 -22.39 6.82 13.16
C THR B 169 -21.20 6.00 13.58
N PHE B 170 -20.85 4.99 12.82
CA PHE B 170 -19.75 4.10 13.21
C PHE B 170 -18.38 4.75 13.04
N PRO B 171 -17.38 4.29 13.83
CA PRO B 171 -16.00 4.67 13.56
C PRO B 171 -15.61 4.21 12.17
N ALA B 172 -14.83 5.04 11.48
CA ALA B 172 -14.22 4.63 10.22
C ALA B 172 -13.30 3.39 10.34
N VAL B 173 -13.30 2.55 9.31
CA VAL B 173 -12.37 1.41 9.24
C VAL B 173 -11.43 1.59 8.03
N LEU B 174 -10.14 1.32 8.24
CA LEU B 174 -9.15 1.36 7.16
C LEU B 174 -9.34 0.06 6.40
N GLN B 175 -9.73 0.15 5.14
CA GLN B 175 -9.85 -1.06 4.31
C GLN B 175 -8.46 -1.45 3.79
N SER B 176 -8.34 -2.64 3.21
CA SER B 176 -7.04 -3.17 2.74
C SER B 176 -6.46 -2.38 1.55
N SER B 177 -7.32 -1.61 0.88
CA SER B 177 -6.91 -0.61 -0.11
C SER B 177 -6.24 0.67 0.42
N GLY B 178 -6.15 0.88 1.74
CA GLY B 178 -5.63 2.16 2.29
C GLY B 178 -6.61 3.32 2.35
N LEU B 179 -7.89 3.05 2.07
CA LEU B 179 -8.96 4.04 2.17
C LEU B 179 -9.91 3.75 3.33
N TYR B 180 -10.55 4.78 3.87
CA TYR B 180 -11.48 4.59 4.98
C TYR B 180 -12.88 4.40 4.47
N SER B 181 -13.70 3.74 5.26
CA SER B 181 -15.15 3.73 5.03
C SER B 181 -15.89 3.72 6.35
N LEU B 182 -17.08 4.34 6.33
CA LEU B 182 -17.96 4.34 7.51
C LEU B 182 -19.38 4.28 7.11
N SER B 183 -20.22 3.95 8.07
CA SER B 183 -21.65 3.84 7.85
C SER B 183 -22.34 4.71 8.90
N SER B 184 -23.47 5.30 8.50
CA SER B 184 -24.30 5.96 9.49
C SER B 184 -25.67 5.42 9.33
N VAL B 185 -26.28 5.03 10.45
CA VAL B 185 -27.65 4.52 10.44
C VAL B 185 -28.56 5.28 11.40
N VAL B 186 -29.84 5.18 11.12
CA VAL B 186 -30.87 5.71 11.99
C VAL B 186 -32.05 4.74 12.06
N THR B 187 -32.58 4.54 13.26
CA THR B 187 -33.78 3.76 13.46
C THR B 187 -34.93 4.71 13.48
N VAL B 188 -35.98 4.34 12.79
CA VAL B 188 -37.22 5.11 12.72
C VAL B 188 -38.45 4.19 12.72
N PRO B 189 -39.64 4.75 13.01
CA PRO B 189 -40.81 3.85 12.91
C PRO B 189 -41.12 3.53 11.43
N SER B 190 -41.54 2.28 11.17
CA SER B 190 -42.06 1.85 9.85
C SER B 190 -43.09 2.84 9.33
N SER B 191 -44.07 3.16 10.19
CA SER B 191 -45.17 4.09 9.86
C SER B 191 -44.75 5.40 9.18
N SER B 192 -43.62 5.96 9.61
CA SER B 192 -43.13 7.23 9.09
C SER B 192 -42.32 7.13 7.78
N LEU B 193 -41.98 5.93 7.30
CA LEU B 193 -41.23 5.80 6.03
C LEU B 193 -41.95 6.42 4.84
N GLY B 194 -43.24 6.10 4.70
CA GLY B 194 -44.06 6.68 3.63
C GLY B 194 -44.30 8.19 3.70
N THR B 195 -44.17 8.79 4.89
CA THR B 195 -44.46 10.23 5.08
C THR B 195 -43.19 11.11 5.07
N GLN B 196 -42.28 10.84 6.00
CA GLN B 196 -41.08 11.66 6.20
C GLN B 196 -40.04 11.27 5.14
N THR B 197 -39.30 12.25 4.61
CA THR B 197 -38.06 12.00 3.85
C THR B 197 -36.80 12.08 4.75
N TYR B 198 -35.81 11.28 4.39
CA TYR B 198 -34.58 11.13 5.16
C TYR B 198 -33.40 11.38 4.26
N ILE B 199 -32.56 12.33 4.63
CA ILE B 199 -31.44 12.71 3.82
C ILE B 199 -30.22 12.75 4.68
N CYS B 200 -29.16 12.13 4.20
CA CYS B 200 -27.91 12.17 4.93
C CYS B 200 -26.96 13.24 4.32
N ASN B 201 -26.35 14.03 5.17
CA ASN B 201 -25.49 15.15 4.78
C ASN B 201 -24.12 14.71 5.14
N VAL B 202 -23.25 14.54 4.16
CA VAL B 202 -21.93 14.06 4.38
C VAL B 202 -20.92 15.13 3.98
N ASN B 203 -19.92 15.31 4.81
CA ASN B 203 -18.94 16.38 4.62
C ASN B 203 -17.54 15.86 4.84
N HIS B 204 -16.70 16.03 3.84
CA HIS B 204 -15.27 15.70 3.88
C HIS B 204 -14.47 16.95 3.53
N LYS B 205 -14.06 17.70 4.56
CA LYS B 205 -13.35 18.99 4.42
C LYS B 205 -12.08 18.85 3.57
N PRO B 206 -11.28 17.80 3.80
CA PRO B 206 -10.03 17.74 3.05
C PRO B 206 -10.14 17.66 1.55
N SER B 207 -11.34 17.42 0.99
CA SER B 207 -11.54 17.35 -0.47
C SER B 207 -12.62 18.29 -0.97
N ASN B 208 -13.20 19.05 -0.07
CA ASN B 208 -14.27 19.94 -0.40
C ASN B 208 -15.48 19.21 -1.03
N THR B 209 -15.84 18.08 -0.41
CA THR B 209 -17.00 17.29 -0.82
C THR B 209 -18.13 17.46 0.17
N LYS B 210 -19.30 17.87 -0.33
CA LYS B 210 -20.54 17.95 0.43
C LYS B 210 -21.53 17.21 -0.41
N VAL B 211 -22.07 16.11 0.12
CA VAL B 211 -23.01 15.28 -0.59
C VAL B 211 -24.24 15.23 0.29
N ASP B 212 -25.40 15.41 -0.32
CA ASP B 212 -26.67 15.25 0.39
C ASP B 212 -27.44 14.16 -0.32
N LYS B 213 -27.71 13.05 0.37
CA LYS B 213 -28.19 11.84 -0.26
C LYS B 213 -29.54 11.44 0.31
N LYS B 214 -30.54 11.36 -0.55
CA LYS B 214 -31.87 10.90 -0.16
C LYS B 214 -31.81 9.38 0.03
N VAL B 215 -32.36 8.86 1.13
CA VAL B 215 -32.46 7.43 1.34
C VAL B 215 -33.95 7.05 1.29
N GLU B 216 -34.30 6.25 0.27
CA GLU B 216 -35.67 6.00 -0.10
C GLU B 216 -35.96 4.49 -0.03
N PRO B 217 -37.19 4.11 0.43
CA PRO B 217 -37.52 2.68 0.46
C PRO B 217 -37.44 2.01 -0.93
N ALA B 218 -37.01 0.75 -0.96
CA ALA B 218 -36.93 -0.04 -2.20
C ALA B 218 -37.79 -1.29 -2.04
N GLU C 1 -14.13 -8.68 -29.76
CA GLU C 1 -12.96 -8.39 -28.89
C GLU C 1 -12.68 -6.90 -28.92
N ASN C 2 -12.69 -6.29 -27.75
CA ASN C 2 -12.41 -4.89 -27.61
C ASN C 2 -10.90 -4.61 -27.57
N VAL C 3 -10.34 -4.18 -28.70
CA VAL C 3 -8.89 -3.92 -28.82
C VAL C 3 -8.56 -2.58 -28.17
N LEU C 4 -7.48 -2.59 -27.37
CA LEU C 4 -6.96 -1.40 -26.80
C LEU C 4 -5.64 -1.01 -27.44
N THR C 5 -5.57 0.23 -27.88
CA THR C 5 -4.41 0.73 -28.53
C THR C 5 -3.80 1.87 -27.70
N GLN C 6 -2.53 1.74 -27.38
CA GLN C 6 -1.85 2.76 -26.60
C GLN C 6 -0.88 3.52 -27.47
N SER C 7 -0.84 4.82 -27.27
CA SER C 7 -0.08 5.69 -28.12
C SER C 7 0.56 6.73 -27.24
N PRO C 8 1.85 7.05 -27.50
CA PRO C 8 2.78 6.35 -28.37
C PRO C 8 3.25 5.07 -27.68
N ALA C 9 3.89 4.19 -28.42
CA ALA C 9 4.36 2.95 -27.86
C ALA C 9 5.64 3.14 -27.06
N ILE C 10 6.45 4.12 -27.48
CA ILE C 10 7.71 4.49 -26.82
C ILE C 10 7.79 6.03 -26.79
N MET C 11 8.26 6.58 -25.68
CA MET C 11 8.34 8.00 -25.47
C MET C 11 9.31 8.31 -24.39
N SER C 12 9.83 9.53 -24.41
CA SER C 12 10.83 9.94 -23.45
C SER C 12 10.53 11.35 -23.02
N ALA C 13 10.67 11.61 -21.72
CA ALA C 13 10.39 12.90 -21.10
C ALA C 13 11.60 13.27 -20.27
N SER C 14 11.86 14.56 -20.16
CA SER C 14 12.92 15.05 -19.29
C SER C 14 12.39 15.28 -17.90
N PRO C 15 13.27 15.22 -16.89
CA PRO C 15 12.88 15.50 -15.53
C PRO C 15 12.12 16.82 -15.42
N GLY C 16 10.98 16.78 -14.75
CA GLY C 16 10.08 17.91 -14.60
C GLY C 16 9.02 18.10 -15.65
N GLU C 17 9.15 17.45 -16.80
CA GLU C 17 8.26 17.69 -17.94
C GLU C 17 6.92 16.93 -17.76
N LYS C 18 5.85 17.50 -18.27
CA LYS C 18 4.53 16.88 -18.21
C LYS C 18 4.48 15.78 -19.27
N VAL C 19 3.89 14.63 -18.94
CA VAL C 19 3.85 13.43 -19.75
C VAL C 19 2.39 12.97 -19.90
N THR C 20 1.99 12.71 -21.13
CA THR C 20 0.67 12.21 -21.41
C THR C 20 0.76 11.03 -22.36
N MET C 21 0.08 9.95 -22.00
CA MET C 21 -0.07 8.80 -22.86
C MET C 21 -1.55 8.44 -22.94
N THR C 22 -1.99 7.90 -24.08
CA THR C 22 -3.39 7.62 -24.28
C THR C 22 -3.66 6.14 -24.53
N CYS C 23 -4.92 5.80 -24.33
CA CYS C 23 -5.41 4.46 -24.53
C CYS C 23 -6.78 4.62 -25.13
N SER C 24 -6.96 3.99 -26.28
CA SER C 24 -8.15 3.99 -27.03
C SER C 24 -8.71 2.56 -27.20
N ALA C 25 -10.03 2.48 -27.14
CA ALA C 25 -10.75 1.22 -27.28
C ALA C 25 -11.61 1.21 -28.54
N SER C 26 -11.65 0.11 -29.26
CA SER C 26 -12.59 0.03 -30.38
C SER C 26 -14.08 0.10 -30.00
N SER C 27 -14.43 -0.30 -28.79
CA SER C 27 -15.79 -0.14 -28.30
C SER C 27 -15.80 0.54 -26.95
N SER C 28 -16.84 1.33 -26.72
CA SER C 28 -16.94 2.09 -25.48
C SER C 28 -16.74 1.20 -24.22
N VAL C 29 -16.24 1.75 -23.11
CA VAL C 29 -16.17 1.05 -21.83
C VAL C 29 -16.50 2.03 -20.71
N ASN C 30 -17.07 1.55 -19.62
CA ASN C 30 -17.41 2.40 -18.48
C ASN C 30 -16.17 2.83 -17.68
N TYR C 31 -15.12 2.01 -17.60
CA TYR C 31 -13.88 2.42 -16.92
C TYR C 31 -12.63 1.89 -17.61
N MET C 32 -11.50 2.56 -17.42
CA MET C 32 -10.17 2.04 -17.83
C MET C 32 -9.30 1.93 -16.58
N HIS C 33 -8.41 0.94 -16.54
CA HIS C 33 -7.49 0.72 -15.41
C HIS C 33 -6.11 0.75 -15.97
N TRP C 34 -5.13 1.18 -15.16
CA TRP C 34 -3.74 1.27 -15.61
C TRP C 34 -2.76 0.55 -14.66
N TYR C 35 -1.85 -0.24 -15.21
CA TYR C 35 -0.81 -0.98 -14.49
C TYR C 35 0.58 -0.40 -14.85
N GLN C 36 1.49 -0.43 -13.89
CA GLN C 36 2.89 -0.08 -14.12
C GLN C 36 3.68 -1.35 -14.00
N GLN C 37 4.59 -1.57 -14.95
CA GLN C 37 5.53 -2.69 -14.90
C GLN C 37 6.98 -2.23 -15.09
N LYS C 38 7.83 -2.56 -14.11
CA LYS C 38 9.28 -2.36 -14.17
C LYS C 38 10.00 -3.68 -14.28
N SER C 39 10.69 -3.87 -15.39
CA SER C 39 11.70 -4.92 -15.59
C SER C 39 11.13 -6.32 -15.55
N SER C 40 10.05 -6.53 -16.30
CA SER C 40 9.43 -7.86 -16.39
C SER C 40 8.97 -8.47 -15.01
N THR C 41 8.97 -7.67 -13.92
CA THR C 41 8.41 -8.11 -12.63
C THR C 41 6.90 -7.96 -12.74
N SER C 42 6.16 -8.34 -11.69
CA SER C 42 4.69 -8.37 -11.77
C SER C 42 4.12 -6.97 -11.98
N PRO C 43 3.11 -6.84 -12.85
CA PRO C 43 2.45 -5.54 -12.91
C PRO C 43 1.82 -5.15 -11.57
N LYS C 44 1.92 -3.85 -11.27
CA LYS C 44 1.26 -3.23 -10.16
C LYS C 44 0.12 -2.36 -10.66
N LEU C 45 -1.04 -2.53 -10.04
CA LEU C 45 -2.16 -1.62 -10.29
C LEU C 45 -1.77 -0.19 -9.85
N TRP C 46 -2.11 0.78 -10.70
CA TRP C 46 -1.64 2.15 -10.57
C TRP C 46 -2.77 3.16 -10.56
N ILE C 47 -3.60 3.12 -11.60
CA ILE C 47 -4.84 3.91 -11.67
C ILE C 47 -5.98 2.91 -11.91
N TYR C 48 -7.05 3.02 -11.13
CA TYR C 48 -8.21 2.13 -11.26
C TYR C 48 -9.45 2.98 -11.35
N ASP C 49 -10.51 2.44 -11.89
CA ASP C 49 -11.71 3.20 -12.29
C ASP C 49 -11.47 4.56 -12.93
N THR C 50 -10.49 4.62 -13.82
CA THR C 50 -10.19 5.77 -14.63
C THR C 50 -9.29 6.79 -13.99
N SER C 51 -9.66 7.25 -12.79
CA SER C 51 -8.98 8.38 -12.13
C SER C 51 -8.55 8.19 -10.69
N LYS C 52 -8.86 7.06 -10.08
CA LYS C 52 -8.48 6.77 -8.69
C LYS C 52 -7.08 6.19 -8.58
N LEU C 53 -6.24 6.80 -7.76
CA LEU C 53 -4.88 6.31 -7.58
C LEU C 53 -4.93 5.19 -6.59
N ALA C 54 -4.23 4.09 -6.89
CA ALA C 54 -4.00 3.03 -5.91
C ALA C 54 -3.16 3.60 -4.76
N SER C 55 -3.32 3.03 -3.55
CA SER C 55 -2.60 3.50 -2.37
C SER C 55 -1.14 3.24 -2.65
N GLY C 56 -0.27 4.21 -2.38
CA GLY C 56 1.19 4.09 -2.63
C GLY C 56 1.70 4.70 -3.93
N VAL C 57 0.82 5.41 -4.65
CA VAL C 57 1.09 5.96 -5.97
C VAL C 57 1.10 7.49 -5.77
N PRO C 58 2.19 8.17 -6.17
CA PRO C 58 2.33 9.64 -5.94
C PRO C 58 1.27 10.50 -6.64
N GLY C 59 0.97 11.66 -6.07
CA GLY C 59 -0.11 12.54 -6.55
C GLY C 59 0.09 13.24 -7.88
N ARG C 60 1.32 13.18 -8.38
CA ARG C 60 1.65 13.68 -9.71
C ARG C 60 1.05 12.86 -10.86
N PHE C 61 0.58 11.65 -10.59
CA PHE C 61 -0.15 10.86 -11.53
C PHE C 61 -1.62 11.21 -11.49
N SER C 62 -2.25 11.20 -12.65
CA SER C 62 -3.71 11.31 -12.76
C SER C 62 -4.19 10.56 -13.99
N GLY C 63 -5.47 10.27 -14.01
CA GLY C 63 -6.08 9.52 -15.11
C GLY C 63 -7.37 10.22 -15.45
N SER C 64 -7.80 10.07 -16.70
CA SER C 64 -9.03 10.68 -17.19
C SER C 64 -9.58 10.00 -18.46
N GLY C 65 -10.62 10.58 -19.05
CA GLY C 65 -11.26 10.05 -20.23
C GLY C 65 -12.60 9.44 -19.92
N SER C 66 -13.25 9.02 -20.99
CA SER C 66 -14.54 8.40 -20.95
C SER C 66 -14.77 7.81 -22.33
N GLY C 67 -15.83 6.99 -22.43
CA GLY C 67 -16.19 6.37 -23.70
C GLY C 67 -15.10 5.42 -24.19
N ASN C 68 -14.47 5.82 -25.29
CA ASN C 68 -13.48 5.03 -25.97
C ASN C 68 -12.05 5.51 -25.76
N SER C 69 -11.81 6.61 -25.07
CA SER C 69 -10.42 7.11 -25.01
C SER C 69 -10.08 7.71 -23.68
N TYR C 70 -8.95 7.26 -23.17
CA TYR C 70 -8.53 7.53 -21.82
C TYR C 70 -7.08 8.01 -21.84
N SER C 71 -6.64 8.57 -20.73
CA SER C 71 -5.26 8.98 -20.62
C SER C 71 -4.72 8.88 -19.22
N LEU C 72 -3.39 8.82 -19.16
CA LEU C 72 -2.62 8.89 -17.92
C LEU C 72 -1.61 10.06 -18.04
N THR C 73 -1.63 10.98 -17.08
CA THR C 73 -0.79 12.15 -17.11
C THR C 73 0.17 12.07 -15.91
N ILE C 74 1.44 12.34 -16.15
CA ILE C 74 2.35 12.64 -15.02
C ILE C 74 2.57 14.16 -15.02
N ARG C 75 2.13 14.86 -13.97
CA ARG C 75 2.28 16.31 -13.86
C ARG C 75 3.74 16.76 -14.03
N THR C 76 4.69 16.00 -13.47
CA THR C 76 6.12 16.31 -13.55
C THR C 76 6.97 15.03 -13.51
N MET C 77 7.57 14.69 -14.63
CA MET C 77 8.37 13.47 -14.75
C MET C 77 9.55 13.39 -13.76
N GLU C 78 9.76 12.17 -13.22
CA GLU C 78 10.82 11.84 -12.22
C GLU C 78 11.50 10.51 -12.60
N ALA C 79 12.69 10.26 -12.09
CA ALA C 79 13.41 9.02 -12.46
C ALA C 79 12.69 7.71 -12.11
N GLU C 80 11.98 7.71 -10.99
CA GLU C 80 11.28 6.48 -10.54
C GLU C 80 10.07 6.09 -11.44
N ASP C 81 9.57 7.02 -12.25
CA ASP C 81 8.47 6.78 -13.19
C ASP C 81 8.84 6.06 -14.49
N VAL C 82 10.10 5.74 -14.65
CA VAL C 82 10.55 4.96 -15.77
C VAL C 82 9.97 3.55 -15.67
N ALA C 83 9.12 3.16 -16.63
CA ALA C 83 8.41 1.88 -16.63
C ALA C 83 7.61 1.72 -17.90
N THR C 84 7.11 0.51 -18.19
CA THR C 84 6.02 0.29 -19.14
C THR C 84 4.62 0.44 -18.42
N TYR C 85 3.71 1.14 -19.05
CA TYR C 85 2.38 1.38 -18.51
C TYR C 85 1.37 0.72 -19.45
N PHE C 86 0.47 -0.09 -18.87
CA PHE C 86 -0.50 -0.88 -19.62
C PHE C 86 -1.91 -0.49 -19.13
N CYS C 87 -2.79 -0.21 -20.08
CA CYS C 87 -4.15 -0.01 -19.78
C CYS C 87 -4.87 -1.34 -19.90
N PHE C 88 -6.09 -1.37 -19.34
CA PHE C 88 -6.84 -2.60 -19.13
C PHE C 88 -8.33 -2.29 -18.94
N GLN C 89 -9.15 -3.07 -19.61
CA GLN C 89 -10.57 -2.91 -19.53
C GLN C 89 -11.16 -4.25 -19.12
N ALA C 90 -12.17 -4.15 -18.27
CA ALA C 90 -12.87 -5.31 -17.80
C ALA C 90 -14.36 -5.12 -17.91
N SER C 91 -14.81 -4.31 -18.86
CA SER C 91 -16.25 -4.12 -19.07
C SER C 91 -16.94 -5.16 -19.94
N GLY C 92 -16.21 -6.00 -20.64
CA GLY C 92 -16.81 -6.97 -21.56
C GLY C 92 -15.83 -8.08 -21.91
N TYR C 93 -16.35 -9.29 -22.07
CA TYR C 93 -15.50 -10.44 -22.41
C TYR C 93 -15.24 -10.49 -23.89
N PRO C 94 -14.02 -10.87 -24.30
CA PRO C 94 -12.81 -11.13 -23.48
C PRO C 94 -12.22 -9.86 -22.87
N LEU C 95 -11.57 -9.97 -21.72
CA LEU C 95 -10.83 -8.84 -21.13
C LEU C 95 -9.53 -8.61 -21.88
N THR C 96 -9.09 -7.36 -21.92
CA THR C 96 -8.02 -7.00 -22.82
C THR C 96 -7.12 -5.99 -22.15
N PHE C 97 -5.84 -6.03 -22.52
CA PHE C 97 -4.85 -5.00 -22.13
C PHE C 97 -4.43 -4.34 -23.37
N GLY C 98 -3.87 -3.15 -23.24
CA GLY C 98 -3.23 -2.52 -24.39
C GLY C 98 -1.82 -3.01 -24.56
N GLY C 99 -1.20 -2.60 -25.67
CA GLY C 99 0.16 -3.01 -25.98
C GLY C 99 1.24 -2.50 -25.06
N GLY C 100 0.96 -1.41 -24.34
CA GLY C 100 1.92 -0.81 -23.45
C GLY C 100 2.56 0.44 -24.05
N THR C 101 2.94 1.34 -23.17
CA THR C 101 3.77 2.51 -23.48
C THR C 101 5.00 2.43 -22.57
N LYS C 102 6.19 2.36 -23.18
CA LYS C 102 7.44 2.41 -22.42
C LYS C 102 7.76 3.84 -22.22
N LEU C 103 8.00 4.24 -20.97
CA LEU C 103 8.39 5.60 -20.63
C LEU C 103 9.88 5.59 -20.25
N GLU C 104 10.68 6.35 -20.99
CA GLU C 104 12.12 6.50 -20.76
C GLU C 104 12.43 7.90 -20.21
N LEU C 105 13.46 8.02 -19.40
CA LEU C 105 13.94 9.33 -18.92
C LEU C 105 15.00 9.96 -19.85
N LYS C 106 14.67 11.11 -20.42
CA LYS C 106 15.59 11.87 -21.27
C LYS C 106 16.48 12.73 -20.37
N ARG C 107 17.58 12.13 -19.93
CA ARG C 107 18.57 12.77 -19.06
C ARG C 107 19.66 13.40 -19.91
N THR C 108 20.59 14.04 -19.22
CA THR C 108 21.80 14.60 -19.85
C THR C 108 22.68 13.51 -20.45
N VAL C 109 23.50 13.91 -21.42
CA VAL C 109 24.43 13.00 -22.07
C VAL C 109 25.48 12.49 -21.07
N ALA C 110 25.90 11.24 -21.31
CA ALA C 110 27.04 10.65 -20.60
C ALA C 110 27.67 9.64 -21.52
N ALA C 111 29.01 9.69 -21.62
CA ALA C 111 29.79 8.75 -22.43
C ALA C 111 30.14 7.44 -21.68
N PRO C 112 30.28 6.36 -22.44
CA PRO C 112 30.53 5.06 -21.86
C PRO C 112 31.99 4.84 -21.52
N SER C 113 32.26 4.31 -20.33
CA SER C 113 33.57 3.73 -20.00
C SER C 113 33.67 2.37 -20.73
N VAL C 114 34.68 2.21 -21.59
CA VAL C 114 34.90 0.91 -22.27
C VAL C 114 35.85 0.03 -21.45
N PHE C 115 35.56 -1.28 -21.36
CA PHE C 115 36.46 -2.27 -20.80
C PHE C 115 36.42 -3.50 -21.69
N ILE C 116 37.54 -4.24 -21.73
CA ILE C 116 37.62 -5.44 -22.53
C ILE C 116 38.10 -6.60 -21.65
N PHE C 117 37.60 -7.81 -21.92
CA PHE C 117 37.96 -9.03 -21.18
C PHE C 117 38.37 -10.14 -22.15
N PRO C 118 39.66 -10.53 -22.11
CA PRO C 118 40.06 -11.75 -22.85
C PRO C 118 39.48 -13.02 -22.19
N PRO C 119 39.30 -14.09 -22.97
CA PRO C 119 38.74 -15.29 -22.38
C PRO C 119 39.58 -15.78 -21.19
N SER C 120 38.93 -16.59 -20.34
CA SER C 120 39.55 -17.23 -19.18
C SER C 120 40.20 -18.60 -19.56
N ASP C 121 41.40 -18.83 -19.04
CA ASP C 121 42.01 -20.18 -18.88
C ASP C 121 41.03 -21.37 -18.91
N GLU C 122 39.99 -21.30 -18.05
CA GLU C 122 38.95 -22.34 -17.97
C GLU C 122 38.22 -22.54 -19.30
N GLN C 123 37.71 -21.45 -19.87
CA GLN C 123 36.94 -21.59 -21.10
C GLN C 123 37.85 -22.11 -22.21
N LEU C 124 39.13 -21.70 -22.17
CA LEU C 124 40.15 -22.18 -23.11
C LEU C 124 40.45 -23.68 -22.99
N LYS C 125 40.60 -24.21 -21.77
CA LYS C 125 40.81 -25.66 -21.66
C LYS C 125 39.59 -26.42 -22.25
N SER C 126 38.38 -25.88 -22.06
CA SER C 126 37.17 -26.47 -22.65
C SER C 126 37.21 -26.48 -24.19
N GLY C 127 37.69 -25.39 -24.80
CA GLY C 127 37.86 -25.32 -26.26
C GLY C 127 37.01 -24.31 -27.03
N THR C 128 36.40 -23.35 -26.32
CA THR C 128 35.80 -22.17 -26.95
C THR C 128 36.51 -20.94 -26.38
N ALA C 129 36.30 -19.80 -27.03
CA ALA C 129 36.83 -18.49 -26.61
C ALA C 129 35.71 -17.45 -26.72
N SER C 130 35.51 -16.67 -25.66
CA SER C 130 34.57 -15.55 -25.64
C SER C 130 35.36 -14.32 -25.25
N VAL C 131 35.32 -13.29 -26.10
CA VAL C 131 35.93 -12.02 -25.81
C VAL C 131 34.78 -11.05 -25.51
N VAL C 132 34.80 -10.39 -24.35
CA VAL C 132 33.67 -9.53 -24.01
C VAL C 132 34.14 -8.10 -23.82
N CYS C 133 33.37 -7.23 -24.48
CA CYS C 133 33.52 -5.78 -24.51
C CYS C 133 32.31 -5.18 -23.75
N LEU C 134 32.63 -4.53 -22.62
CA LEU C 134 31.68 -3.82 -21.79
C LEU C 134 31.70 -2.31 -22.04
N LEU C 135 30.54 -1.74 -22.37
CA LEU C 135 30.30 -0.28 -22.29
C LEU C 135 29.46 0.00 -21.03
N ASN C 136 29.92 0.92 -20.18
CA ASN C 136 29.27 1.19 -18.89
C ASN C 136 28.74 2.62 -18.68
N ASN C 137 27.52 2.73 -18.18
CA ASN C 137 26.92 4.01 -17.69
C ASN C 137 26.80 5.18 -18.68
N PHE C 138 26.35 4.87 -19.89
CA PHE C 138 26.12 5.87 -20.92
C PHE C 138 24.65 6.36 -21.20
N TYR C 139 24.52 7.60 -21.71
CA TYR C 139 23.24 8.06 -22.30
C TYR C 139 23.53 8.95 -23.52
N PRO C 140 22.77 8.81 -24.61
CA PRO C 140 21.61 8.00 -24.86
C PRO C 140 21.97 6.56 -25.26
N ARG C 141 20.96 5.79 -25.61
CA ARG C 141 21.09 4.37 -25.89
C ARG C 141 21.89 4.01 -27.15
N GLU C 142 21.93 4.84 -28.20
CA GLU C 142 22.56 4.39 -29.48
C GLU C 142 24.10 4.39 -29.32
N ALA C 143 24.70 3.26 -29.67
CA ALA C 143 26.13 3.08 -29.52
C ALA C 143 26.42 1.87 -30.36
N LYS C 144 27.15 2.06 -31.44
CA LYS C 144 27.57 0.92 -32.23
C LYS C 144 28.91 0.47 -31.63
N VAL C 145 29.07 -0.85 -31.59
CA VAL C 145 30.34 -1.46 -31.27
C VAL C 145 30.73 -2.34 -32.47
N GLN C 146 32.00 -2.28 -32.84
CA GLN C 146 32.54 -3.03 -33.97
C GLN C 146 33.78 -3.83 -33.53
N TRP C 147 33.94 -5.02 -34.10
CA TRP C 147 35.03 -5.93 -33.72
C TRP C 147 36.12 -5.96 -34.79
N LYS C 148 37.33 -5.59 -34.39
CA LYS C 148 38.49 -5.61 -35.26
C LYS C 148 39.51 -6.64 -34.76
N VAL C 149 39.47 -7.79 -35.40
CA VAL C 149 40.36 -8.91 -35.11
C VAL C 149 41.57 -8.81 -36.06
N ASP C 150 42.77 -8.71 -35.49
CA ASP C 150 43.99 -8.31 -36.20
C ASP C 150 43.78 -7.12 -37.18
N ASN C 151 43.12 -6.08 -36.65
CA ASN C 151 42.83 -4.84 -37.39
C ASN C 151 42.07 -5.09 -38.72
N ALA C 152 41.37 -6.23 -38.79
CA ALA C 152 40.48 -6.60 -39.89
C ALA C 152 39.07 -6.73 -39.30
N LEU C 153 38.07 -6.21 -40.02
CA LEU C 153 36.68 -6.25 -39.59
C LEU C 153 36.19 -7.67 -39.34
N GLN C 154 35.14 -7.79 -38.54
CA GLN C 154 34.61 -9.06 -38.14
C GLN C 154 33.09 -9.01 -38.29
N SER C 155 32.54 -9.99 -39.01
CA SER C 155 31.09 -10.05 -39.27
C SER C 155 30.57 -11.47 -39.00
N GLY C 156 29.53 -11.54 -38.16
CA GLY C 156 28.84 -12.80 -37.84
C GLY C 156 28.95 -13.30 -36.41
N ASN C 157 30.15 -13.35 -35.83
CA ASN C 157 30.36 -14.05 -34.54
C ASN C 157 30.33 -13.16 -33.30
N SER C 158 29.60 -12.05 -33.33
CA SER C 158 29.30 -11.27 -32.12
C SER C 158 27.80 -11.21 -31.86
N GLN C 159 27.46 -11.10 -30.57
CA GLN C 159 26.10 -10.81 -30.11
C GLN C 159 26.21 -9.74 -29.03
N GLU C 160 25.20 -8.86 -29.01
CA GLU C 160 25.12 -7.69 -28.10
C GLU C 160 23.99 -7.87 -27.09
N SER C 161 24.05 -7.09 -26.02
CA SER C 161 23.00 -7.13 -24.99
C SER C 161 23.04 -5.86 -24.14
N VAL C 162 21.88 -5.29 -23.84
CA VAL C 162 21.80 -3.99 -23.17
C VAL C 162 20.96 -4.07 -21.93
N THR C 163 21.31 -3.35 -20.86
CA THR C 163 20.44 -3.26 -19.69
C THR C 163 19.35 -2.24 -19.95
N GLU C 164 18.32 -2.27 -19.12
CA GLU C 164 17.32 -1.22 -19.11
C GLU C 164 17.86 -0.02 -18.34
N GLN C 165 17.16 1.10 -18.45
CA GLN C 165 17.53 2.34 -17.80
C GLN C 165 17.56 2.13 -16.29
N ASP C 166 18.71 2.42 -15.70
CA ASP C 166 18.96 2.27 -14.25
C ASP C 166 18.05 3.16 -13.35
N SER C 167 17.82 2.73 -12.12
CA SER C 167 16.89 3.41 -11.19
C SER C 167 17.34 4.79 -10.73
N LYS C 168 18.59 4.86 -10.26
CA LYS C 168 19.17 6.10 -9.71
C LYS C 168 19.61 7.06 -10.83
N ASP C 169 20.68 6.70 -11.54
CA ASP C 169 21.32 7.59 -12.52
C ASP C 169 20.63 7.62 -13.90
N SER C 170 19.81 6.62 -14.21
CA SER C 170 19.06 6.56 -15.49
C SER C 170 19.93 6.34 -16.78
N THR C 171 21.00 5.55 -16.66
CA THR C 171 21.87 5.28 -17.78
C THR C 171 21.70 3.85 -18.19
N TYR C 172 22.35 3.54 -19.30
CA TYR C 172 22.39 2.22 -19.86
C TYR C 172 23.73 1.58 -19.55
N SER C 173 23.86 0.32 -19.92
CA SER C 173 25.16 -0.35 -19.98
C SER C 173 25.00 -1.37 -21.07
N LEU C 174 26.10 -1.71 -21.78
CA LEU C 174 26.05 -2.66 -22.93
C LEU C 174 27.18 -3.69 -22.84
N SER C 175 27.01 -4.82 -23.53
CA SER C 175 28.02 -5.85 -23.61
C SER C 175 28.01 -6.52 -24.98
N SER C 176 29.16 -6.54 -25.65
CA SER C 176 29.30 -7.36 -26.86
C SER C 176 30.25 -8.53 -26.58
N THR C 177 29.90 -9.70 -27.12
CA THR C 177 30.54 -10.97 -26.81
C THR C 177 30.89 -11.64 -28.12
N LEU C 178 32.17 -11.60 -28.48
CA LEU C 178 32.68 -12.26 -29.68
C LEU C 178 33.06 -13.68 -29.30
N THR C 179 32.50 -14.65 -30.01
CA THR C 179 32.79 -16.07 -29.79
C THR C 179 33.38 -16.74 -31.05
N LEU C 180 34.62 -17.22 -30.93
CA LEU C 180 35.23 -18.09 -31.94
C LEU C 180 35.62 -19.34 -31.21
N SER C 181 35.99 -20.38 -31.96
CA SER C 181 36.60 -21.56 -31.35
C SER C 181 37.99 -21.24 -30.79
N LYS C 182 38.52 -22.18 -30.01
CA LYS C 182 39.94 -22.13 -29.61
C LYS C 182 40.83 -22.09 -30.87
N ALA C 183 40.56 -22.98 -31.84
CA ALA C 183 41.36 -23.09 -33.09
C ALA C 183 41.55 -21.75 -33.80
N ASP C 184 40.43 -21.05 -34.02
CA ASP C 184 40.43 -19.73 -34.70
C ASP C 184 40.93 -18.57 -33.82
N TYR C 185 40.75 -18.70 -32.50
CA TYR C 185 41.25 -17.71 -31.54
C TYR C 185 42.80 -17.61 -31.54
N GLU C 186 43.46 -18.76 -31.66
CA GLU C 186 44.93 -18.83 -31.69
C GLU C 186 45.52 -18.42 -33.07
N LYS C 187 44.72 -18.48 -34.14
CA LYS C 187 45.12 -17.96 -35.47
C LYS C 187 45.19 -16.43 -35.58
N HIS C 188 44.71 -15.67 -34.59
CA HIS C 188 44.84 -14.20 -34.55
C HIS C 188 45.58 -13.76 -33.28
N LYS C 189 45.83 -12.47 -33.14
CA LYS C 189 46.71 -11.93 -32.10
C LYS C 189 46.14 -10.64 -31.43
N VAL C 190 45.80 -9.63 -32.25
CA VAL C 190 45.31 -8.31 -31.79
C VAL C 190 43.78 -8.23 -31.85
N TYR C 191 43.14 -8.28 -30.70
CA TYR C 191 41.66 -8.27 -30.60
C TYR C 191 41.13 -6.89 -30.17
N ALA C 192 40.28 -6.27 -30.99
CA ALA C 192 39.87 -4.86 -30.78
C ALA C 192 38.36 -4.59 -30.89
N CYS C 193 37.77 -3.99 -29.87
CA CYS C 193 36.38 -3.50 -29.97
C CYS C 193 36.44 -1.97 -30.04
N GLU C 194 35.78 -1.40 -31.03
CA GLU C 194 35.76 0.03 -31.17
C GLU C 194 34.32 0.50 -31.00
N VAL C 195 34.19 1.68 -30.36
CA VAL C 195 32.93 2.23 -29.91
C VAL C 195 32.76 3.68 -30.31
N THR C 196 31.65 3.99 -30.98
CA THR C 196 31.20 5.37 -31.09
C THR C 196 29.93 5.54 -30.30
N HIS C 197 29.83 6.74 -29.78
CA HIS C 197 28.70 7.18 -29.02
C HIS C 197 28.63 8.71 -29.09
N GLN C 198 27.40 9.21 -29.06
CA GLN C 198 27.13 10.64 -29.08
C GLN C 198 27.84 11.51 -28.00
N GLY C 199 28.53 10.89 -27.05
CA GLY C 199 29.22 11.60 -25.99
C GLY C 199 30.72 11.46 -26.12
N LEU C 200 31.15 10.81 -27.21
CA LEU C 200 32.56 10.66 -27.56
C LEU C 200 32.99 11.66 -28.64
N SER C 201 33.99 12.46 -28.31
CA SER C 201 34.71 13.29 -29.29
C SER C 201 35.39 12.37 -30.32
N SER C 202 36.26 11.50 -29.81
CA SER C 202 36.96 10.48 -30.61
C SER C 202 36.30 9.10 -30.45
N PRO C 203 36.12 8.36 -31.55
CA PRO C 203 35.76 6.93 -31.44
C PRO C 203 36.80 6.12 -30.65
N VAL C 204 36.37 5.48 -29.56
CA VAL C 204 37.28 4.80 -28.62
C VAL C 204 37.43 3.31 -28.97
N THR C 205 38.69 2.90 -29.11
CA THR C 205 39.10 1.51 -29.23
C THR C 205 39.74 1.01 -27.90
N LYS C 206 39.32 -0.15 -27.41
CA LYS C 206 40.15 -0.95 -26.48
C LYS C 206 40.56 -2.26 -27.14
N SER C 207 41.76 -2.70 -26.77
CA SER C 207 42.27 -3.95 -27.26
C SER C 207 43.20 -4.63 -26.26
N PHE C 208 43.62 -5.82 -26.66
CA PHE C 208 44.69 -6.54 -26.00
C PHE C 208 45.41 -7.40 -27.05
N ASN C 209 46.42 -8.14 -26.59
CA ASN C 209 47.09 -9.22 -27.34
C ASN C 209 47.19 -10.49 -26.50
N ARG C 210 47.05 -11.64 -27.16
CA ARG C 210 46.95 -12.95 -26.48
C ARG C 210 48.10 -13.28 -25.53
N GLY C 211 47.82 -13.25 -24.22
CA GLY C 211 48.83 -13.43 -23.17
C GLY C 211 48.50 -12.69 -21.87
N GLN D 1 -4.17 -11.00 4.24
CA GLN D 1 -3.30 -10.64 3.08
C GLN D 1 -3.55 -11.67 1.99
N VAL D 2 -4.24 -11.24 0.93
CA VAL D 2 -4.35 -12.02 -0.28
C VAL D 2 -2.92 -12.25 -0.82
N GLN D 3 -2.57 -13.50 -1.04
CA GLN D 3 -1.32 -13.90 -1.66
C GLN D 3 -1.51 -14.98 -2.71
N LEU D 4 -0.74 -14.89 -3.79
CA LEU D 4 -0.79 -15.84 -4.89
C LEU D 4 0.63 -16.24 -5.32
N LYS D 5 0.86 -17.52 -5.54
CA LYS D 5 2.17 -18.06 -5.89
C LYS D 5 2.04 -19.12 -6.97
N GLU D 6 2.60 -18.86 -8.14
CA GLU D 6 2.54 -19.82 -9.23
C GLU D 6 3.68 -20.81 -9.13
N SER D 7 3.45 -21.98 -9.70
CA SER D 7 4.41 -23.05 -9.68
C SER D 7 4.14 -23.94 -10.89
N GLY D 8 5.11 -24.05 -11.78
CA GLY D 8 5.00 -24.89 -13.00
C GLY D 8 6.34 -25.51 -13.36
N PRO D 9 6.43 -26.20 -14.51
CA PRO D 9 7.72 -26.67 -15.01
C PRO D 9 8.33 -25.52 -15.75
N GLY D 10 9.64 -25.40 -15.74
CA GLY D 10 10.29 -24.36 -16.55
C GLY D 10 10.22 -24.63 -18.05
N LEU D 11 10.06 -25.90 -18.43
CA LEU D 11 10.27 -26.33 -19.80
C LEU D 11 9.31 -27.44 -20.19
N VAL D 12 8.61 -27.22 -21.31
CA VAL D 12 7.70 -28.21 -21.84
C VAL D 12 7.89 -28.28 -23.36
N ALA D 13 7.74 -29.48 -23.92
CA ALA D 13 7.88 -29.66 -25.38
C ALA D 13 6.56 -29.43 -26.13
N PRO D 14 6.65 -28.95 -27.37
CA PRO D 14 5.39 -28.68 -28.12
C PRO D 14 4.56 -29.94 -28.32
N SER D 15 3.24 -29.78 -28.39
CA SER D 15 2.28 -30.91 -28.43
C SER D 15 2.07 -31.68 -27.11
N GLN D 16 2.96 -31.55 -26.12
CA GLN D 16 2.69 -32.03 -24.75
C GLN D 16 1.83 -31.00 -24.03
N SER D 17 1.43 -31.28 -22.79
CA SER D 17 0.51 -30.41 -22.04
C SER D 17 1.21 -29.61 -20.94
N LEU D 18 0.86 -28.33 -20.82
CA LEU D 18 1.36 -27.45 -19.75
C LEU D 18 0.41 -27.45 -18.58
N SER D 19 0.93 -27.62 -17.37
CA SER D 19 0.17 -27.55 -16.13
C SER D 19 0.85 -26.58 -15.15
N ILE D 20 0.10 -25.58 -14.72
CA ILE D 20 0.58 -24.62 -13.73
C ILE D 20 -0.42 -24.63 -12.58
N THR D 21 0.15 -24.51 -11.38
CA THR D 21 -0.57 -24.47 -10.14
C THR D 21 -0.44 -23.07 -9.55
N CYS D 22 -1.54 -22.54 -9.04
CA CYS D 22 -1.49 -21.32 -8.28
C CYS D 22 -1.95 -21.71 -6.90
N THR D 23 -1.14 -21.43 -5.89
CA THR D 23 -1.51 -21.67 -4.51
C THR D 23 -1.86 -20.33 -3.94
N VAL D 24 -3.05 -20.24 -3.38
CA VAL D 24 -3.58 -18.99 -2.86
C VAL D 24 -3.73 -19.03 -1.31
N SER D 25 -3.85 -17.86 -0.71
CA SER D 25 -4.17 -17.74 0.70
C SER D 25 -4.80 -16.38 0.98
N GLY D 26 -5.46 -16.22 2.13
CA GLY D 26 -6.14 -14.96 2.50
C GLY D 26 -7.55 -14.77 1.97
N PHE D 27 -8.14 -15.81 1.42
CA PHE D 27 -9.50 -15.72 0.82
C PHE D 27 -10.03 -17.12 0.51
N SER D 28 -11.36 -17.20 0.40
CA SER D 28 -11.99 -18.47 0.09
C SER D 28 -12.12 -18.61 -1.42
N LEU D 29 -11.67 -19.73 -1.97
CA LEU D 29 -11.91 -19.98 -3.38
C LEU D 29 -13.37 -20.18 -3.69
N ASN D 30 -14.25 -20.48 -2.72
CA ASN D 30 -15.68 -20.68 -3.07
C ASN D 30 -16.40 -19.38 -3.36
N SER D 31 -15.77 -18.27 -2.97
CA SER D 31 -16.36 -16.95 -3.02
C SER D 31 -15.79 -16.04 -4.07
N TYR D 32 -14.52 -16.23 -4.45
CA TYR D 32 -13.79 -15.30 -5.35
C TYR D 32 -13.20 -15.93 -6.62
N GLY D 33 -13.43 -15.28 -7.76
CA GLY D 33 -12.81 -15.64 -9.01
C GLY D 33 -11.32 -15.35 -9.08
N VAL D 34 -10.58 -16.29 -9.67
CA VAL D 34 -9.16 -16.14 -9.91
C VAL D 34 -8.87 -16.24 -11.43
N SER D 35 -8.01 -15.39 -11.96
CA SER D 35 -7.72 -15.37 -13.38
C SER D 35 -6.27 -15.70 -13.68
N TRP D 36 -6.02 -16.09 -14.92
CA TRP D 36 -4.66 -16.22 -15.48
C TRP D 36 -4.42 -15.21 -16.59
N VAL D 37 -3.24 -14.62 -16.55
CA VAL D 37 -2.79 -13.66 -17.52
C VAL D 37 -1.39 -14.08 -17.95
N ARG D 38 -1.07 -13.87 -19.24
CA ARG D 38 0.28 -14.14 -19.65
C ARG D 38 0.95 -12.98 -20.38
N GLN D 39 2.27 -12.93 -20.33
CA GLN D 39 3.08 -12.00 -21.09
C GLN D 39 4.16 -12.73 -21.89
N PRO D 40 4.03 -12.78 -23.24
CA PRO D 40 5.10 -13.36 -24.08
C PRO D 40 6.35 -12.53 -23.96
N PRO D 41 7.57 -13.13 -24.08
CA PRO D 41 8.84 -12.37 -23.86
C PRO D 41 8.95 -11.16 -24.77
N GLY D 42 9.14 -9.97 -24.17
CA GLY D 42 9.13 -8.70 -24.90
C GLY D 42 7.84 -8.26 -25.60
N LYS D 43 6.67 -8.66 -25.09
CA LYS D 43 5.37 -8.14 -25.56
C LYS D 43 4.55 -7.77 -24.32
N GLY D 44 3.35 -7.25 -24.50
CA GLY D 44 2.38 -7.00 -23.44
C GLY D 44 1.50 -8.15 -22.94
N LEU D 45 0.42 -7.79 -22.27
CA LEU D 45 -0.28 -8.74 -21.40
C LEU D 45 -1.49 -9.29 -22.11
N GLU D 46 -1.73 -10.59 -22.03
CA GLU D 46 -2.94 -11.24 -22.56
C GLU D 46 -3.68 -11.96 -21.46
N TRP D 47 -4.98 -11.73 -21.41
CA TRP D 47 -5.86 -12.35 -20.45
C TRP D 47 -6.30 -13.69 -20.99
N LEU D 48 -6.14 -14.74 -20.19
CA LEU D 48 -6.44 -16.08 -20.69
C LEU D 48 -7.77 -16.58 -20.20
N GLY D 49 -8.14 -16.28 -18.95
CA GLY D 49 -9.38 -16.78 -18.46
C GLY D 49 -9.51 -16.70 -16.99
N VAL D 50 -10.67 -17.17 -16.52
CA VAL D 50 -11.09 -16.96 -15.13
C VAL D 50 -11.93 -18.12 -14.70
N ILE D 51 -11.72 -18.51 -13.45
CA ILE D 51 -12.62 -19.45 -12.80
C ILE D 51 -13.30 -18.75 -11.60
N TRP D 52 -14.63 -18.79 -11.55
CA TRP D 52 -15.39 -18.11 -10.49
C TRP D 52 -15.57 -18.97 -9.27
N GLY D 53 -16.12 -18.39 -8.23
CA GLY D 53 -16.30 -19.09 -6.93
C GLY D 53 -17.05 -20.41 -7.09
N ASP D 54 -18.07 -20.39 -7.92
CA ASP D 54 -18.92 -21.54 -8.09
C ASP D 54 -18.38 -22.58 -9.06
N GLY D 55 -17.24 -22.28 -9.64
CA GLY D 55 -16.52 -23.17 -10.56
C GLY D 55 -16.83 -22.95 -12.03
N SER D 56 -17.69 -21.99 -12.37
CA SER D 56 -17.89 -21.67 -13.79
C SER D 56 -16.65 -20.92 -14.34
N THR D 57 -16.46 -20.99 -15.66
CA THR D 57 -15.26 -20.49 -16.29
C THR D 57 -15.62 -19.61 -17.48
N ASN D 58 -14.73 -18.68 -17.82
CA ASN D 58 -14.78 -17.95 -19.07
C ASN D 58 -13.36 -17.94 -19.61
N TYR D 59 -13.20 -18.20 -20.91
CA TYR D 59 -11.91 -18.23 -21.55
C TYR D 59 -11.80 -17.19 -22.65
N HIS D 60 -10.56 -16.76 -22.97
CA HIS D 60 -10.30 -16.05 -24.21
C HIS D 60 -10.61 -17.03 -25.34
N SER D 61 -11.53 -16.69 -26.24
CA SER D 61 -11.88 -17.56 -27.41
C SER D 61 -10.68 -17.88 -28.34
N ALA D 62 -9.82 -16.89 -28.58
CA ALA D 62 -8.57 -17.07 -29.34
C ALA D 62 -7.58 -18.15 -28.86
N LEU D 63 -7.84 -18.74 -27.70
CA LEU D 63 -7.18 -19.98 -27.28
C LEU D 63 -7.91 -21.24 -27.72
N MET D 64 -8.73 -21.14 -28.78
CA MET D 64 -9.24 -22.29 -29.55
C MET D 64 -9.71 -23.51 -28.71
N SER D 65 -10.19 -23.26 -27.48
CA SER D 65 -10.49 -24.30 -26.50
C SER D 65 -9.29 -25.23 -26.07
N ARG D 66 -8.06 -24.78 -26.25
CA ARG D 66 -6.90 -25.49 -25.71
C ARG D 66 -6.70 -25.29 -24.20
N LEU D 67 -7.30 -24.24 -23.64
CA LEU D 67 -7.09 -23.89 -22.26
C LEU D 67 -8.17 -24.43 -21.36
N ARG D 68 -7.79 -24.92 -20.18
CA ARG D 68 -8.74 -25.31 -19.14
C ARG D 68 -8.24 -24.80 -17.80
N ILE D 69 -9.13 -24.19 -17.03
CA ILE D 69 -8.82 -23.73 -15.70
C ILE D 69 -9.70 -24.54 -14.73
N SER D 70 -9.09 -25.10 -13.71
CA SER D 70 -9.80 -25.81 -12.69
C SER D 70 -9.27 -25.48 -11.31
N LYS D 71 -9.96 -25.97 -10.27
CA LYS D 71 -9.48 -25.76 -8.90
C LYS D 71 -9.87 -26.86 -7.91
N ASP D 72 -9.07 -26.97 -6.84
CA ASP D 72 -9.43 -27.74 -5.63
C ASP D 72 -9.49 -26.82 -4.40
N ASN D 73 -10.66 -26.75 -3.78
CA ASN D 73 -10.90 -25.79 -2.74
C ASN D 73 -10.12 -26.05 -1.42
N SER D 74 -10.02 -27.31 -1.03
CA SER D 74 -9.41 -27.64 0.27
C SER D 74 -7.87 -27.65 0.20
N LYS D 75 -7.29 -27.77 -0.99
CA LYS D 75 -5.86 -27.55 -1.18
C LYS D 75 -5.48 -26.11 -1.48
N ARG D 76 -6.48 -25.25 -1.74
CA ARG D 76 -6.31 -23.81 -2.01
C ARG D 76 -5.45 -23.60 -3.27
N GLN D 77 -5.80 -24.32 -4.32
CA GLN D 77 -5.03 -24.34 -5.55
C GLN D 77 -5.93 -24.19 -6.75
N VAL D 78 -5.42 -23.47 -7.74
CA VAL D 78 -6.09 -23.24 -8.99
C VAL D 78 -5.12 -23.76 -10.00
N PHE D 79 -5.62 -24.42 -11.05
CA PHE D 79 -4.78 -25.08 -12.05
C PHE D 79 -5.00 -24.54 -13.42
N LEU D 80 -3.93 -24.19 -14.11
CA LEU D 80 -4.03 -23.90 -15.51
C LEU D 80 -3.51 -25.10 -16.32
N LYS D 81 -4.28 -25.57 -17.30
CA LYS D 81 -3.85 -26.62 -18.21
C LYS D 81 -3.98 -26.15 -19.66
N LEU D 82 -2.85 -25.98 -20.36
CA LEU D 82 -2.86 -25.63 -21.77
C LEU D 82 -2.43 -26.82 -22.69
N ASN D 83 -3.31 -27.24 -23.61
CA ASN D 83 -3.08 -28.40 -24.51
C ASN D 83 -2.56 -27.97 -25.88
N SER D 84 -2.02 -28.94 -26.65
CA SER D 84 -1.51 -28.72 -28.04
C SER D 84 -0.63 -27.48 -28.16
N LEU D 85 0.43 -27.46 -27.34
CA LEU D 85 1.34 -26.31 -27.25
C LEU D 85 2.09 -25.93 -28.55
N GLN D 86 2.12 -24.63 -28.82
CA GLN D 86 2.91 -24.05 -29.87
C GLN D 86 4.07 -23.33 -29.22
N THR D 87 5.04 -22.94 -30.03
CA THR D 87 6.23 -22.21 -29.57
C THR D 87 5.89 -20.85 -28.96
N ASP D 88 4.86 -20.21 -29.51
CA ASP D 88 4.37 -18.88 -29.05
C ASP D 88 3.45 -18.90 -27.82
N ASP D 89 3.31 -20.07 -27.18
CA ASP D 89 2.85 -20.17 -25.81
C ASP D 89 3.99 -19.90 -24.76
N THR D 90 5.24 -19.80 -25.21
CA THR D 90 6.34 -19.36 -24.35
C THR D 90 5.93 -18.00 -23.73
N ALA D 91 5.95 -17.86 -22.40
CA ALA D 91 5.52 -16.62 -21.73
C ALA D 91 5.73 -16.72 -20.24
N THR D 92 5.65 -15.55 -19.58
CA THR D 92 5.47 -15.51 -18.14
C THR D 92 3.97 -15.62 -17.82
N TYR D 93 3.60 -16.60 -17.01
CA TYR D 93 2.21 -16.87 -16.66
C TYR D 93 1.97 -16.32 -15.27
N TYR D 94 0.90 -15.51 -15.11
CA TYR D 94 0.55 -14.87 -13.83
C TYR D 94 -0.81 -15.33 -13.38
N CYS D 95 -0.96 -15.67 -12.10
CA CYS D 95 -2.30 -15.71 -11.54
C CYS D 95 -2.58 -14.37 -10.88
N THR D 96 -3.82 -13.95 -10.98
CA THR D 96 -4.22 -12.67 -10.47
C THR D 96 -5.71 -12.66 -10.08
N LYS D 97 -6.03 -11.71 -9.24
CA LYS D 97 -7.34 -11.58 -8.66
C LYS D 97 -7.70 -10.07 -8.50
N PRO D 98 -8.95 -9.68 -8.79
CA PRO D 98 -9.41 -8.34 -8.40
C PRO D 98 -9.43 -8.07 -6.89
N GLY D 99 -9.55 -6.81 -6.51
CA GLY D 99 -9.77 -6.45 -5.10
C GLY D 99 -11.28 -6.45 -4.87
N SER D 100 -11.87 -5.27 -4.72
CA SER D 100 -13.33 -5.15 -4.64
C SER D 100 -13.89 -4.51 -5.89
N GLY D 101 -13.04 -4.26 -6.88
CA GLY D 101 -13.47 -3.60 -8.10
C GLY D 101 -13.31 -4.47 -9.33
N TYR D 102 -13.51 -3.84 -10.46
CA TYR D 102 -13.24 -4.37 -11.75
C TYR D 102 -11.79 -4.82 -11.98
N ALA D 103 -10.83 -4.12 -11.40
CA ALA D 103 -9.43 -4.27 -11.80
C ALA D 103 -8.68 -5.32 -11.01
N PHE D 104 -7.70 -5.96 -11.65
CA PHE D 104 -6.81 -6.88 -10.96
C PHE D 104 -5.91 -6.14 -9.99
N ALA D 105 -6.08 -6.41 -8.69
CA ALA D 105 -5.30 -5.78 -7.62
C ALA D 105 -4.15 -6.64 -7.06
N TYR D 106 -4.27 -7.97 -7.09
CA TYR D 106 -3.27 -8.93 -6.56
C TYR D 106 -2.70 -9.81 -7.67
N TRP D 107 -1.39 -10.00 -7.68
CA TRP D 107 -0.67 -10.69 -8.73
C TRP D 107 0.38 -11.62 -8.12
N GLY D 108 0.56 -12.82 -8.67
CA GLY D 108 1.71 -13.61 -8.30
C GLY D 108 3.01 -13.04 -8.82
N GLN D 109 4.13 -13.65 -8.42
CA GLN D 109 5.48 -13.33 -8.90
C GLN D 109 5.64 -13.63 -10.40
N GLY D 110 4.88 -14.61 -10.87
CA GLY D 110 4.88 -15.01 -12.25
C GLY D 110 5.79 -16.20 -12.43
N THR D 111 5.49 -17.05 -13.40
CA THR D 111 6.33 -18.20 -13.69
C THR D 111 6.63 -18.27 -15.18
N LEU D 112 7.92 -18.16 -15.52
CA LEU D 112 8.40 -18.27 -16.91
C LEU D 112 8.28 -19.71 -17.45
N VAL D 113 7.51 -19.90 -18.53
CA VAL D 113 7.38 -21.20 -19.21
C VAL D 113 8.02 -21.13 -20.60
N THR D 114 8.92 -22.06 -20.89
CA THR D 114 9.51 -22.14 -22.22
C THR D 114 8.93 -23.34 -22.97
N VAL D 115 8.46 -23.11 -24.19
CA VAL D 115 7.97 -24.20 -25.02
C VAL D 115 9.05 -24.46 -26.06
N SER D 116 9.75 -25.59 -25.89
CA SER D 116 10.93 -25.95 -26.70
C SER D 116 11.16 -27.45 -26.69
N SER D 117 11.63 -27.98 -27.83
CA SER D 117 12.00 -29.39 -27.95
C SER D 117 13.38 -29.67 -27.35
N ALA D 118 14.19 -28.63 -27.15
CA ALA D 118 15.48 -28.78 -26.45
C ALA D 118 15.28 -29.31 -25.01
N SER D 119 16.38 -29.61 -24.32
CA SER D 119 16.31 -30.17 -22.96
C SER D 119 17.13 -29.33 -21.96
N THR D 120 16.91 -29.52 -20.66
CA THR D 120 17.64 -28.74 -19.65
C THR D 120 19.15 -28.89 -19.82
N LYS D 121 19.91 -27.86 -19.50
CA LYS D 121 21.36 -27.97 -19.45
C LYS D 121 21.82 -26.85 -18.57
N GLY D 122 22.69 -27.14 -17.59
CA GLY D 122 23.08 -26.16 -16.58
C GLY D 122 24.27 -25.36 -17.10
N PRO D 123 24.53 -24.19 -16.50
CA PRO D 123 25.55 -23.29 -17.04
C PRO D 123 26.99 -23.63 -16.69
N SER D 124 27.92 -23.23 -17.54
CA SER D 124 29.31 -23.01 -17.11
C SER D 124 29.38 -21.58 -16.62
N VAL D 125 30.15 -21.34 -15.57
CA VAL D 125 30.38 -19.98 -15.04
C VAL D 125 31.88 -19.65 -15.15
N PHE D 126 32.25 -18.59 -15.86
CA PHE D 126 33.66 -18.19 -16.03
C PHE D 126 33.87 -16.77 -15.52
N PRO D 127 35.03 -16.49 -14.88
CA PRO D 127 35.29 -15.12 -14.45
C PRO D 127 35.65 -14.22 -15.62
N LEU D 128 35.21 -12.97 -15.48
CA LEU D 128 35.67 -11.86 -16.24
C LEU D 128 36.55 -11.15 -15.20
N ALA D 129 37.86 -11.40 -15.37
CA ALA D 129 38.88 -10.95 -14.43
C ALA D 129 39.21 -9.45 -14.59
N PRO D 130 39.24 -8.68 -13.46
CA PRO D 130 39.75 -7.28 -13.45
C PRO D 130 41.06 -7.01 -14.25
N SER D 131 41.02 -5.95 -15.08
CA SER D 131 42.10 -5.52 -15.99
C SER D 131 43.50 -5.51 -15.37
N GLY D 138 40.68 4.38 -12.58
CA GLY D 138 40.33 4.44 -11.16
C GLY D 138 39.25 3.46 -10.75
N THR D 139 38.55 2.91 -11.74
CA THR D 139 37.49 1.92 -11.56
C THR D 139 37.92 0.61 -12.24
N ALA D 140 37.49 -0.50 -11.66
CA ALA D 140 37.68 -1.80 -12.33
C ALA D 140 36.32 -2.41 -12.63
N ALA D 141 36.30 -3.15 -13.73
CA ALA D 141 35.15 -3.97 -14.11
C ALA D 141 35.50 -5.43 -13.89
N LEU D 142 34.60 -6.17 -13.27
CA LEU D 142 34.72 -7.63 -13.15
C LEU D 142 33.36 -8.27 -13.18
N GLY D 143 33.35 -9.55 -13.51
CA GLY D 143 32.10 -10.24 -13.59
C GLY D 143 32.22 -11.69 -13.93
N CYS D 144 31.09 -12.24 -14.35
CA CYS D 144 30.91 -13.66 -14.56
C CYS D 144 30.21 -13.84 -15.87
N LEU D 145 30.75 -14.70 -16.71
CA LEU D 145 30.12 -15.09 -17.95
C LEU D 145 29.38 -16.36 -17.56
N VAL D 146 28.09 -16.43 -17.85
CA VAL D 146 27.27 -17.60 -17.50
C VAL D 146 26.83 -18.19 -18.80
N LYS D 147 27.39 -19.33 -19.20
CA LYS D 147 27.36 -19.72 -20.59
C LYS D 147 26.76 -21.11 -20.82
N ASP D 148 26.08 -21.26 -21.95
CA ASP D 148 25.50 -22.52 -22.39
C ASP D 148 24.56 -23.09 -21.35
N TYR D 149 23.40 -22.46 -21.21
CA TYR D 149 22.32 -23.01 -20.39
C TYR D 149 20.97 -22.90 -21.09
N PHE D 150 20.05 -23.72 -20.62
CA PHE D 150 18.72 -23.76 -21.16
C PHE D 150 17.88 -24.41 -20.08
N PRO D 151 16.69 -23.89 -19.78
CA PRO D 151 16.12 -22.64 -20.24
C PRO D 151 16.49 -21.56 -19.29
N GLU D 152 16.01 -20.37 -19.59
CA GLU D 152 15.92 -19.22 -18.68
C GLU D 152 14.89 -19.50 -17.58
N PRO D 153 15.04 -18.89 -16.41
CA PRO D 153 15.98 -17.85 -16.00
C PRO D 153 17.22 -18.38 -15.24
N VAL D 154 18.27 -17.56 -15.15
CA VAL D 154 19.28 -17.68 -14.12
C VAL D 154 19.30 -16.39 -13.32
N THR D 155 19.73 -16.47 -12.06
CA THR D 155 19.80 -15.28 -11.20
C THR D 155 21.21 -15.19 -10.68
N VAL D 156 21.63 -13.96 -10.43
CA VAL D 156 22.98 -13.67 -10.00
C VAL D 156 22.92 -12.64 -8.88
N SER D 157 23.58 -12.90 -7.77
CA SER D 157 23.82 -11.85 -6.80
C SER D 157 25.35 -11.71 -6.66
N TRP D 158 25.78 -10.79 -5.81
CA TRP D 158 27.21 -10.56 -5.56
C TRP D 158 27.34 -10.54 -4.07
N ASN D 159 28.26 -11.37 -3.55
CA ASN D 159 28.56 -11.45 -2.12
C ASN D 159 27.27 -11.55 -1.34
N SER D 160 26.52 -12.58 -1.69
CA SER D 160 25.15 -12.85 -1.22
C SER D 160 24.32 -11.61 -0.95
N GLY D 161 24.21 -10.76 -1.98
CA GLY D 161 23.35 -9.58 -1.95
C GLY D 161 23.85 -8.47 -1.04
N ALA D 162 25.11 -8.52 -0.66
CA ALA D 162 25.70 -7.42 0.10
C ALA D 162 25.91 -6.29 -0.91
N LEU D 163 26.67 -6.65 -1.95
CA LEU D 163 27.01 -5.76 -3.04
C LEU D 163 25.83 -5.61 -4.03
N THR D 164 25.16 -4.46 -3.95
CA THR D 164 24.07 -3.98 -4.84
C THR D 164 24.52 -2.90 -5.85
N SER D 165 25.23 -1.90 -5.34
CA SER D 165 25.68 -0.74 -6.09
C SER D 165 26.68 -1.14 -7.17
N GLY D 166 26.40 -0.71 -8.40
CA GLY D 166 27.28 -0.95 -9.50
C GLY D 166 27.09 -2.30 -10.17
N VAL D 167 26.03 -3.04 -9.81
CA VAL D 167 25.82 -4.32 -10.46
C VAL D 167 24.96 -4.08 -11.69
N HIS D 168 25.30 -4.74 -12.78
CA HIS D 168 24.45 -4.81 -13.94
C HIS D 168 24.45 -6.24 -14.40
N THR D 169 23.26 -6.81 -14.47
CA THR D 169 23.05 -8.15 -14.99
C THR D 169 22.33 -8.02 -16.32
N PHE D 170 23.00 -8.40 -17.40
CA PHE D 170 22.50 -8.24 -18.75
C PHE D 170 21.42 -9.26 -19.06
N PRO D 171 20.46 -8.91 -19.93
CA PRO D 171 19.61 -9.95 -20.50
C PRO D 171 20.37 -11.12 -21.11
N ALA D 172 19.80 -12.31 -21.02
CA ALA D 172 20.33 -13.47 -21.71
C ALA D 172 20.26 -13.33 -23.23
N VAL D 173 21.25 -13.90 -23.92
CA VAL D 173 21.27 -13.94 -25.35
C VAL D 173 21.04 -15.36 -25.83
N LEU D 174 20.08 -15.59 -26.71
CA LEU D 174 19.98 -16.90 -27.40
C LEU D 174 21.09 -16.98 -28.48
N GLN D 175 22.04 -17.90 -28.30
CA GLN D 175 23.15 -18.10 -29.23
C GLN D 175 22.70 -19.02 -30.36
N SER D 176 23.54 -19.15 -31.39
CA SER D 176 23.26 -20.01 -32.55
C SER D 176 23.10 -21.50 -32.21
N SER D 177 23.70 -21.96 -31.11
CA SER D 177 23.48 -23.32 -30.58
C SER D 177 21.99 -23.66 -30.27
N GLY D 178 21.26 -22.71 -29.71
CA GLY D 178 20.01 -22.97 -28.99
C GLY D 178 20.15 -22.67 -27.49
N LEU D 179 21.40 -22.53 -26.99
CA LEU D 179 21.66 -22.31 -25.57
C LEU D 179 21.84 -20.84 -25.31
N TYR D 180 21.57 -20.44 -24.08
CA TYR D 180 21.64 -19.06 -23.63
C TYR D 180 23.03 -18.78 -23.04
N SER D 181 23.32 -17.50 -22.91
CA SER D 181 24.43 -17.05 -22.10
C SER D 181 24.13 -15.61 -21.69
N LEU D 182 24.57 -15.24 -20.49
CA LEU D 182 24.49 -13.86 -20.02
C LEU D 182 25.71 -13.52 -19.25
N SER D 183 25.95 -12.26 -19.01
CA SER D 183 27.09 -11.87 -18.19
C SER D 183 26.58 -10.97 -17.11
N SER D 184 27.28 -10.89 -16.00
CA SER D 184 26.93 -9.95 -14.94
C SER D 184 28.20 -9.35 -14.47
N VAL D 185 28.18 -8.04 -14.23
CA VAL D 185 29.41 -7.29 -13.99
C VAL D 185 29.18 -6.32 -12.89
N VAL D 186 30.29 -5.91 -12.26
CA VAL D 186 30.28 -4.91 -11.22
C VAL D 186 31.41 -3.92 -11.48
N THR D 187 31.14 -2.68 -11.09
CA THR D 187 32.09 -1.59 -11.08
C THR D 187 32.49 -1.56 -9.63
N VAL D 188 33.81 -1.56 -9.39
CA VAL D 188 34.34 -1.35 -8.03
C VAL D 188 35.55 -0.40 -8.06
N PRO D 189 35.92 0.14 -6.87
CA PRO D 189 37.17 0.92 -6.78
C PRO D 189 38.44 0.06 -6.96
N SER D 190 39.39 0.55 -7.77
CA SER D 190 40.72 -0.09 -7.95
C SER D 190 41.49 -0.30 -6.63
N SER D 191 41.30 0.61 -5.66
CA SER D 191 41.88 0.48 -4.31
C SER D 191 41.41 -0.76 -3.52
N SER D 192 40.16 -1.19 -3.74
CA SER D 192 39.59 -2.34 -3.02
C SER D 192 39.99 -3.74 -3.59
N LEU D 193 40.44 -3.83 -4.85
CA LEU D 193 40.72 -5.14 -5.52
C LEU D 193 41.59 -6.19 -4.79
N GLY D 194 42.51 -5.78 -3.91
CA GLY D 194 43.29 -6.72 -3.07
C GLY D 194 42.64 -6.98 -1.72
N THR D 195 42.13 -5.91 -1.09
CA THR D 195 41.49 -5.97 0.25
C THR D 195 40.23 -6.87 0.28
N GLN D 196 39.35 -6.67 -0.70
CA GLN D 196 38.01 -7.25 -0.72
C GLN D 196 37.93 -8.51 -1.58
N THR D 197 37.06 -9.42 -1.19
CA THR D 197 36.81 -10.66 -1.93
C THR D 197 35.49 -10.48 -2.71
N TYR D 198 35.51 -10.82 -4.02
CA TYR D 198 34.35 -10.68 -4.94
C TYR D 198 33.91 -12.00 -5.57
N ILE D 199 32.67 -12.39 -5.24
CA ILE D 199 32.07 -13.70 -5.59
C ILE D 199 30.71 -13.46 -6.22
N CYS D 200 30.43 -14.03 -7.37
CA CYS D 200 29.06 -14.00 -7.86
C CYS D 200 28.37 -15.33 -7.55
N ASN D 201 27.09 -15.21 -7.13
CA ASN D 201 26.22 -16.35 -6.79
C ASN D 201 25.25 -16.58 -7.91
N VAL D 202 25.45 -17.67 -8.64
CA VAL D 202 24.63 -18.04 -9.77
C VAL D 202 23.71 -19.20 -9.39
N ASN D 203 22.42 -19.05 -9.67
CA ASN D 203 21.41 -20.05 -9.36
C ASN D 203 20.70 -20.39 -10.67
N HIS D 204 20.71 -21.68 -11.06
CA HIS D 204 19.92 -22.16 -12.21
C HIS D 204 18.98 -23.25 -11.73
N LYS D 205 17.80 -22.84 -11.25
CA LYS D 205 16.83 -23.73 -10.63
C LYS D 205 16.44 -24.94 -11.48
N PRO D 206 16.19 -24.75 -12.78
CA PRO D 206 15.83 -25.92 -13.61
C PRO D 206 16.86 -27.08 -13.67
N SER D 207 18.15 -26.79 -13.47
CA SER D 207 19.18 -27.83 -13.44
C SER D 207 19.77 -28.02 -12.04
N ASN D 208 19.24 -27.29 -11.07
CA ASN D 208 19.65 -27.39 -9.66
C ASN D 208 21.10 -26.91 -9.45
N THR D 209 21.53 -25.90 -10.20
CA THR D 209 22.93 -25.45 -10.22
C THR D 209 23.05 -24.26 -9.28
N LYS D 210 24.00 -24.34 -8.35
CA LYS D 210 24.39 -23.25 -7.48
C LYS D 210 25.89 -23.23 -7.52
N VAL D 211 26.46 -22.29 -8.25
CA VAL D 211 27.88 -21.98 -8.15
C VAL D 211 28.01 -20.71 -7.33
N ASP D 212 29.13 -20.58 -6.60
CA ASP D 212 29.58 -19.28 -6.02
C ASP D 212 31.06 -19.04 -6.37
N LYS D 213 31.31 -18.47 -7.56
CA LYS D 213 32.66 -18.37 -8.12
C LYS D 213 33.40 -17.12 -7.66
N LYS D 214 34.64 -17.31 -7.21
CA LYS D 214 35.48 -16.20 -6.76
C LYS D 214 36.11 -15.53 -7.97
N VAL D 215 36.10 -14.19 -8.00
CA VAL D 215 36.76 -13.42 -9.09
C VAL D 215 37.95 -12.66 -8.49
N GLU D 216 39.09 -12.74 -9.20
CA GLU D 216 40.41 -12.34 -8.68
C GLU D 216 41.21 -11.57 -9.74
N PRO D 217 42.07 -10.59 -9.32
CA PRO D 217 42.97 -9.91 -10.28
C PRO D 217 43.90 -10.85 -11.06
N ALA D 218 44.09 -10.59 -12.36
CA ALA D 218 44.94 -11.45 -13.22
C ALA D 218 46.43 -11.26 -12.92
S10 03S E . 8.82 23.07 36.97
O11 03S E . 7.43 23.38 36.48
O12 03S E . 8.64 22.50 38.33
C13 03S E . 9.82 24.42 37.06
OXT 03S E . 9.50 22.10 36.08
#